data_5X61
#
_entry.id   5X61
#
_cell.length_a   148.723
_cell.length_b   148.723
_cell.length_c   225.796
_cell.angle_alpha   90.00
_cell.angle_beta   90.00
_cell.angle_gamma   120.00
#
_symmetry.space_group_name_H-M   'P 61'
#
loop_
_entity.id
_entity.type
_entity.pdbx_description
1 polymer Acetylcholinesterase
2 branched 2-acetamido-2-deoxy-beta-D-glucopyranose-(1-3)-2-acetamido-2-deoxy-beta-D-glucopyranose
3 non-polymer 'SULFATE ION'
4 non-polymer 'AMMONIUM ION'
5 non-polymer '4-(2-HYDROXYETHYL)-1-PIPERAZINE ETHANESULFONIC ACID'
6 water water
#
_entity_poly.entity_id   1
_entity_poly.type   'polypeptide(L)'
_entity_poly.pdbx_seq_one_letter_code
;DNDPLVVNTDKGRIRGITVDAPSGKKVDVWLGIPYAQPPVGPLRFRHPRPAEKWTGVLNTTTPPNSCVQIVDTVFGDFPG
ATMWNPNTPLSEDCLYINVVAPRPRPKNAAVMLWIFGGGFYSGTATLDVYDHRALASEENVIVVSLQYRVASLGFLFLGT
PEAPGNAGLFDQNLALRWVRDNIHRFGGDPSRVTLFGESAGAVSVSLHLLSALSRDLFQRAILQSGSPTAPWALVSREEA
TLRALRLAEAVGCPHEPSKLSDAVECLRGKDPHVLVNNEWGTLGICEFPFVPVVDGAFLDETPQRSLASGRFKKTEILTG
SNTEEGYYFIIYYLTELLRKEEGVTVTREEFLQAVRELNPYVNGAARQAIVFEYTDWTEPDNPNSNRDALDKMVGDYHFT
CNVNEFAQRYAEEGNNVYMYLYTHRSKGNPWPRWTGVMHGDEINYVFGEPLNPTLGYTEDEKDFSRKIMRYWSNFAKTGN
PNPNTASSEFPEWPKHTAHGRHYLELGLNTSFVGRGPRLRQCAFWKKYLPQLVAATSNLPGPAPPSEPCESSA
;
_entity_poly.pdbx_strand_id   B,A
#
# COMPACT_ATOMS: atom_id res chain seq x y z
N ASP A 1 -20.39 -7.27 -25.88
CA ASP A 1 -21.66 -7.71 -25.24
C ASP A 1 -22.66 -6.55 -25.16
N ASN A 2 -23.95 -6.88 -25.21
CA ASN A 2 -25.01 -5.87 -25.15
C ASN A 2 -26.03 -6.09 -24.02
N ASP A 3 -25.68 -6.98 -23.09
CA ASP A 3 -26.50 -7.26 -21.92
C ASP A 3 -26.05 -6.34 -20.76
N PRO A 4 -26.99 -5.52 -20.23
CA PRO A 4 -26.65 -4.60 -19.13
C PRO A 4 -26.21 -5.31 -17.84
N LEU A 5 -26.70 -6.54 -17.64
CA LEU A 5 -26.42 -7.30 -16.42
C LEU A 5 -25.01 -7.89 -16.35
N VAL A 6 -24.33 -7.97 -17.49
CA VAL A 6 -22.91 -8.35 -17.51
C VAL A 6 -22.02 -7.10 -17.56
N VAL A 7 -20.97 -7.13 -16.74
CA VAL A 7 -20.03 -6.01 -16.65
C VAL A 7 -18.61 -6.54 -16.77
N ASN A 8 -17.78 -5.86 -17.56
CA ASN A 8 -16.41 -6.28 -17.81
C ASN A 8 -15.41 -5.70 -16.82
N THR A 9 -15.37 -6.28 -15.62
CA THR A 9 -14.39 -5.90 -14.59
C THR A 9 -12.97 -6.21 -15.07
N ASP A 10 -12.01 -5.38 -14.63
CA ASP A 10 -10.63 -5.46 -15.10
C ASP A 10 -9.99 -6.86 -15.05
N LYS A 11 -10.52 -7.73 -14.19
CA LYS A 11 -9.95 -9.07 -14.01
C LYS A 11 -10.79 -10.20 -14.61
N GLY A 12 -11.96 -9.86 -15.15
CA GLY A 12 -12.84 -10.83 -15.82
C GLY A 12 -14.17 -10.19 -16.17
N ARG A 13 -15.22 -11.00 -16.29
CA ARG A 13 -16.56 -10.44 -16.39
C ARG A 13 -17.60 -11.16 -15.53
N ILE A 14 -18.56 -10.37 -15.05
CA ILE A 14 -19.53 -10.82 -14.07
C ILE A 14 -20.95 -10.55 -14.52
N ARG A 15 -21.87 -11.41 -14.08
CA ARG A 15 -23.29 -11.26 -14.39
C ARG A 15 -24.10 -11.08 -13.12
N GLY A 16 -24.82 -9.97 -13.03
CA GLY A 16 -25.72 -9.72 -11.92
C GLY A 16 -27.15 -10.07 -12.25
N ILE A 17 -28.07 -9.73 -11.34
CA ILE A 17 -29.49 -9.94 -11.55
C ILE A 17 -30.31 -8.73 -11.13
N THR A 18 -31.34 -8.43 -11.91
CA THR A 18 -32.31 -7.40 -11.56
C THR A 18 -33.29 -8.00 -10.54
N VAL A 19 -33.51 -7.25 -9.46
CA VAL A 19 -34.34 -7.71 -8.35
C VAL A 19 -35.14 -6.55 -7.75
N ASP A 20 -36.28 -6.85 -7.12
CA ASP A 20 -37.14 -5.84 -6.50
C ASP A 20 -36.58 -5.39 -5.16
N ALA A 21 -36.89 -4.15 -4.80
CA ALA A 21 -36.63 -3.65 -3.45
C ALA A 21 -37.93 -3.78 -2.65
N PRO A 22 -37.83 -3.72 -1.30
CA PRO A 22 -39.04 -3.71 -0.47
C PRO A 22 -39.98 -2.55 -0.80
N SER A 23 -39.44 -1.49 -1.38
CA SER A 23 -40.22 -0.33 -1.82
C SER A 23 -41.05 -0.61 -3.07
N GLY A 24 -40.74 -1.70 -3.78
CA GLY A 24 -41.41 -2.06 -5.01
C GLY A 24 -40.57 -1.73 -6.23
N LYS A 25 -39.73 -0.71 -6.10
CA LYS A 25 -38.80 -0.29 -7.15
C LYS A 25 -37.73 -1.36 -7.38
N LYS A 26 -37.23 -1.46 -8.60
CA LYS A 26 -36.25 -2.50 -8.95
C LYS A 26 -34.82 -1.94 -9.07
N VAL A 27 -33.84 -2.78 -8.74
CA VAL A 27 -32.42 -2.42 -8.85
C VAL A 27 -31.61 -3.58 -9.43
N ASP A 28 -30.42 -3.27 -9.94
CA ASP A 28 -29.49 -4.29 -10.44
C ASP A 28 -28.41 -4.58 -9.40
N VAL A 29 -28.28 -5.84 -9.01
CA VAL A 29 -27.31 -6.24 -7.99
C VAL A 29 -26.24 -7.19 -8.51
N TRP A 30 -25.01 -6.99 -8.05
CA TRP A 30 -23.92 -7.91 -8.31
C TRP A 30 -23.35 -8.32 -6.95
N LEU A 31 -23.53 -9.59 -6.60
CA LEU A 31 -23.20 -10.06 -5.25
C LEU A 31 -22.07 -11.08 -5.23
N GLY A 32 -21.01 -10.75 -4.51
CA GLY A 32 -19.87 -11.64 -4.35
C GLY A 32 -18.88 -11.57 -5.50
N ILE A 33 -18.51 -10.35 -5.88
CA ILE A 33 -17.44 -10.15 -6.85
C ILE A 33 -16.10 -10.34 -6.13
N PRO A 34 -15.28 -11.30 -6.57
CA PRO A 34 -14.01 -11.55 -5.91
C PRO A 34 -13.00 -10.44 -6.21
N TYR A 35 -12.59 -9.70 -5.18
CA TYR A 35 -11.66 -8.60 -5.35
C TYR A 35 -10.23 -8.98 -4.95
N ALA A 36 -10.10 -10.14 -4.33
CA ALA A 36 -8.81 -10.61 -3.84
C ALA A 36 -8.64 -12.12 -3.97
N GLN A 37 -7.39 -12.54 -4.11
CA GLN A 37 -7.00 -13.95 -4.04
C GLN A 37 -7.29 -14.45 -2.61
N PRO A 38 -8.10 -15.53 -2.49
CA PRO A 38 -8.53 -16.04 -1.18
C PRO A 38 -7.37 -16.26 -0.23
N PRO A 39 -7.41 -15.61 0.95
CA PRO A 39 -6.29 -15.53 1.89
C PRO A 39 -6.10 -16.82 2.71
N VAL A 40 -5.93 -17.93 2.01
CA VAL A 40 -5.87 -19.25 2.64
C VAL A 40 -4.45 -19.83 2.59
N GLY A 41 -4.15 -20.75 3.50
CA GLY A 41 -2.88 -21.47 3.51
C GLY A 41 -1.72 -20.61 4.01
N PRO A 42 -0.72 -20.39 3.13
CA PRO A 42 0.44 -19.55 3.47
C PRO A 42 0.09 -18.06 3.46
N LEU A 43 -1.11 -17.74 3.00
CA LEU A 43 -1.54 -16.35 2.85
C LEU A 43 -2.35 -15.84 4.04
N ARG A 44 -2.57 -16.71 5.03
CA ARG A 44 -3.28 -16.30 6.26
C ARG A 44 -2.45 -15.28 7.05
N PHE A 45 -3.16 -14.33 7.66
CA PHE A 45 -2.56 -13.22 8.44
C PHE A 45 -1.89 -12.16 7.57
N ARG A 46 -1.64 -12.49 6.30
CA ARG A 46 -0.92 -11.60 5.39
C ARG A 46 -1.86 -10.67 4.64
N HIS A 47 -1.27 -9.63 4.06
CA HIS A 47 -2.00 -8.67 3.23
C HIS A 47 -2.57 -9.39 2.00
N PRO A 48 -3.72 -8.90 1.49
CA PRO A 48 -4.37 -9.55 0.36
C PRO A 48 -3.62 -9.33 -0.97
N ARG A 49 -3.75 -10.31 -1.87
CA ARG A 49 -3.28 -10.16 -3.25
C ARG A 49 -4.50 -9.96 -4.14
N PRO A 50 -4.37 -9.17 -5.23
CA PRO A 50 -5.48 -9.09 -6.17
C PRO A 50 -5.82 -10.48 -6.71
N ALA A 51 -7.09 -10.69 -7.08
CA ALA A 51 -7.54 -11.98 -7.59
C ALA A 51 -6.98 -12.27 -9.00
N GLU A 52 -6.85 -13.56 -9.32
CA GLU A 52 -6.43 -13.98 -10.67
C GLU A 52 -7.54 -13.73 -11.67
N LYS A 53 -7.18 -13.52 -12.93
CA LYS A 53 -8.15 -13.33 -14.01
C LYS A 53 -8.96 -14.61 -14.20
N TRP A 54 -10.25 -14.46 -14.49
CA TRP A 54 -11.08 -15.61 -14.83
C TRP A 54 -11.61 -15.48 -16.25
N THR A 55 -11.68 -16.63 -16.94
CA THR A 55 -12.24 -16.70 -18.28
C THR A 55 -13.74 -17.00 -18.20
N GLY A 56 -14.47 -16.60 -19.23
CA GLY A 56 -15.92 -16.76 -19.27
C GLY A 56 -16.63 -15.73 -18.41
N VAL A 57 -17.89 -16.01 -18.09
CA VAL A 57 -18.68 -15.12 -17.24
C VAL A 57 -18.89 -15.72 -15.85
N LEU A 58 -18.94 -14.86 -14.83
CA LEU A 58 -19.12 -15.30 -13.46
C LEU A 58 -20.46 -14.85 -12.89
N ASN A 59 -21.27 -15.81 -12.44
CA ASN A 59 -22.55 -15.55 -11.80
C ASN A 59 -22.38 -14.83 -10.46
N THR A 60 -22.53 -13.51 -10.44
CA THR A 60 -22.49 -12.77 -9.17
C THR A 60 -23.91 -12.47 -8.69
N THR A 61 -24.62 -13.53 -8.32
CA THR A 61 -26.05 -13.44 -8.04
C THR A 61 -26.43 -13.77 -6.60
N THR A 62 -25.59 -14.54 -5.92
CA THR A 62 -25.85 -14.97 -4.54
C THR A 62 -24.92 -14.26 -3.56
N PRO A 63 -25.43 -13.90 -2.35
CA PRO A 63 -24.62 -13.22 -1.33
C PRO A 63 -23.40 -14.05 -0.91
N PRO A 64 -22.22 -13.40 -0.82
CA PRO A 64 -20.92 -14.06 -0.58
C PRO A 64 -20.79 -14.67 0.82
N ASN A 65 -19.77 -15.50 0.98
CA ASN A 65 -19.44 -16.08 2.29
C ASN A 65 -19.05 -15.00 3.30
N SER A 66 -19.28 -15.28 4.58
CA SER A 66 -18.86 -14.39 5.64
C SER A 66 -17.54 -14.89 6.21
N CYS A 67 -16.68 -13.97 6.64
CA CYS A 67 -15.37 -14.32 7.18
C CYS A 67 -15.50 -15.07 8.51
N VAL A 68 -14.62 -16.04 8.70
CA VAL A 68 -14.62 -16.88 9.91
C VAL A 68 -14.57 -16.00 11.15
N GLN A 69 -15.53 -16.19 12.03
CA GLN A 69 -15.68 -15.39 13.24
C GLN A 69 -16.45 -16.15 14.31
N ILE A 70 -16.43 -15.62 15.52
CA ILE A 70 -17.20 -16.15 16.64
C ILE A 70 -18.69 -15.88 16.39
N VAL A 71 -19.54 -16.78 16.87
CA VAL A 71 -20.99 -16.59 16.76
C VAL A 71 -21.62 -16.26 18.11
N ASP A 72 -22.31 -15.12 18.17
CA ASP A 72 -23.00 -14.67 19.38
C ASP A 72 -24.15 -15.63 19.68
N THR A 73 -24.17 -16.13 20.92
CA THR A 73 -25.12 -17.16 21.29
C THR A 73 -25.56 -17.09 22.76
N VAL A 74 -25.15 -16.02 23.46
CA VAL A 74 -25.47 -15.88 24.89
C VAL A 74 -26.95 -15.58 25.14
N PHE A 75 -27.66 -15.14 24.11
CA PHE A 75 -29.11 -14.93 24.21
C PHE A 75 -29.88 -15.86 23.28
N GLY A 76 -29.18 -16.86 22.75
CA GLY A 76 -29.78 -17.88 21.91
C GLY A 76 -30.31 -17.33 20.59
N ASP A 77 -31.53 -17.73 20.24
CA ASP A 77 -32.16 -17.30 19.00
C ASP A 77 -33.03 -16.05 19.22
N PHE A 78 -32.44 -15.04 19.87
CA PHE A 78 -33.12 -13.79 20.19
C PHE A 78 -32.89 -12.76 19.07
N PRO A 79 -33.99 -12.22 18.49
CA PRO A 79 -33.96 -11.28 17.36
C PRO A 79 -32.95 -10.13 17.49
N GLY A 80 -32.79 -9.60 18.69
CA GLY A 80 -31.85 -8.51 18.94
C GLY A 80 -30.40 -8.90 18.73
N ALA A 81 -30.08 -10.15 19.03
CA ALA A 81 -28.71 -10.66 18.91
C ALA A 81 -28.43 -11.26 17.52
N THR A 82 -29.41 -12.01 17.00
CA THR A 82 -29.24 -12.77 15.75
C THR A 82 -29.13 -11.89 14.50
N MET A 83 -29.65 -10.66 14.57
CA MET A 83 -29.56 -9.72 13.45
C MET A 83 -28.11 -9.30 13.17
N TRP A 84 -27.23 -9.54 14.14
CA TRP A 84 -25.80 -9.22 14.00
C TRP A 84 -24.96 -10.44 13.70
N ASN A 85 -25.55 -11.62 13.86
CA ASN A 85 -24.91 -12.89 13.52
C ASN A 85 -24.85 -13.11 12.01
N PRO A 86 -23.76 -13.74 11.52
CA PRO A 86 -23.53 -13.93 10.08
C PRO A 86 -24.62 -14.79 9.44
N ASN A 87 -25.12 -14.33 8.29
CA ASN A 87 -26.26 -14.97 7.62
C ASN A 87 -25.87 -15.73 6.35
N THR A 88 -24.57 -15.97 6.18
CA THR A 88 -24.06 -16.79 5.07
C THR A 88 -22.98 -17.73 5.60
N PRO A 89 -22.73 -18.85 4.89
CA PRO A 89 -21.69 -19.80 5.30
C PRO A 89 -20.36 -19.13 5.68
N LEU A 90 -19.80 -19.52 6.82
CA LEU A 90 -18.52 -19.00 7.29
C LEU A 90 -17.38 -19.66 6.56
N SER A 91 -16.52 -18.85 5.96
CA SER A 91 -15.38 -19.33 5.20
C SER A 91 -14.19 -18.38 5.27
N GLU A 92 -13.00 -18.95 5.27
CA GLU A 92 -11.76 -18.17 5.23
C GLU A 92 -11.67 -17.44 3.89
N ASP A 93 -12.26 -18.05 2.87
CA ASP A 93 -12.46 -17.42 1.58
C ASP A 93 -13.72 -16.57 1.66
N CYS A 94 -13.52 -15.28 1.90
CA CYS A 94 -14.63 -14.36 2.17
C CYS A 94 -14.47 -12.97 1.55
N LEU A 95 -13.31 -12.70 0.96
CA LEU A 95 -13.01 -11.37 0.42
C LEU A 95 -13.76 -11.06 -0.87
N TYR A 96 -14.98 -10.56 -0.73
CA TYR A 96 -15.83 -10.27 -1.88
C TYR A 96 -16.46 -8.88 -1.78
N ILE A 97 -16.89 -8.35 -2.91
CA ILE A 97 -17.55 -7.05 -2.96
C ILE A 97 -19.00 -7.21 -3.45
N ASN A 98 -19.86 -6.29 -3.04
CA ASN A 98 -21.24 -6.23 -3.52
C ASN A 98 -21.52 -4.85 -4.11
N VAL A 99 -22.15 -4.83 -5.29
CA VAL A 99 -22.51 -3.57 -5.95
C VAL A 99 -24.01 -3.57 -6.28
N VAL A 100 -24.70 -2.52 -5.88
CA VAL A 100 -26.14 -2.37 -6.12
C VAL A 100 -26.44 -1.03 -6.80
N ALA A 101 -26.99 -1.11 -8.02
CA ALA A 101 -27.24 0.07 -8.84
C ALA A 101 -28.74 0.31 -9.06
N PRO A 102 -29.17 1.58 -9.10
CA PRO A 102 -30.58 1.91 -9.32
C PRO A 102 -31.02 1.73 -10.76
N ARG A 103 -32.33 1.62 -10.97
CA ARG A 103 -32.93 1.62 -12.31
C ARG A 103 -33.75 2.90 -12.54
N PRO A 104 -33.50 3.60 -13.65
CA PRO A 104 -32.55 3.26 -14.72
C PRO A 104 -31.11 3.55 -14.31
N ARG A 105 -30.18 2.79 -14.88
CA ARG A 105 -28.76 2.92 -14.55
C ARG A 105 -28.24 4.33 -14.80
N PRO A 106 -27.66 4.96 -13.77
CA PRO A 106 -27.06 6.28 -13.90
C PRO A 106 -25.72 6.23 -14.63
N LYS A 107 -25.26 7.39 -15.11
CA LYS A 107 -24.02 7.46 -15.85
C LYS A 107 -22.82 7.67 -14.92
N ASN A 108 -22.85 8.74 -14.13
CA ASN A 108 -21.80 9.05 -13.16
C ASN A 108 -22.36 9.42 -11.79
N ALA A 109 -23.09 8.48 -11.17
CA ALA A 109 -23.73 8.72 -9.89
C ALA A 109 -22.73 8.70 -8.73
N ALA A 110 -23.17 9.19 -7.58
CA ALA A 110 -22.39 9.12 -6.35
C ALA A 110 -22.33 7.68 -5.83
N VAL A 111 -21.23 7.35 -5.16
CA VAL A 111 -21.01 6.00 -4.64
C VAL A 111 -20.95 6.02 -3.12
N MET A 112 -21.81 5.24 -2.49
CA MET A 112 -21.79 5.09 -1.04
C MET A 112 -21.26 3.72 -0.66
N LEU A 113 -20.05 3.71 -0.07
CA LEU A 113 -19.35 2.48 0.25
C LEU A 113 -19.48 2.16 1.74
N TRP A 114 -20.11 1.02 2.03
CA TRP A 114 -20.39 0.61 3.41
C TRP A 114 -19.35 -0.35 3.99
N ILE A 115 -18.68 0.10 5.05
CA ILE A 115 -17.80 -0.75 5.83
C ILE A 115 -18.51 -1.15 7.12
N PHE A 116 -18.83 -2.44 7.23
CA PHE A 116 -19.52 -2.96 8.42
C PHE A 116 -18.62 -2.93 9.64
N GLY A 117 -19.23 -2.94 10.83
CA GLY A 117 -18.47 -2.84 12.06
C GLY A 117 -18.92 -3.79 13.16
N GLY A 118 -18.21 -4.90 13.30
CA GLY A 118 -18.48 -5.86 14.37
C GLY A 118 -17.40 -5.87 15.43
N GLY A 119 -16.90 -4.68 15.79
CA GLY A 119 -15.86 -4.53 16.80
C GLY A 119 -14.52 -5.16 16.43
N PHE A 120 -14.31 -5.38 15.13
CA PHE A 120 -13.11 -6.03 14.60
C PHE A 120 -12.96 -7.51 14.92
N TYR A 121 -14.03 -8.12 15.43
CA TYR A 121 -14.01 -9.56 15.73
C TYR A 121 -15.14 -10.30 15.02
N SER A 122 -16.14 -9.54 14.56
CA SER A 122 -17.33 -10.10 13.92
C SER A 122 -17.86 -9.21 12.80
N GLY A 123 -18.92 -9.67 12.14
CA GLY A 123 -19.61 -8.88 11.12
C GLY A 123 -19.56 -9.45 9.72
N THR A 124 -20.44 -8.94 8.86
CA THR A 124 -20.47 -9.32 7.45
C THR A 124 -21.30 -8.30 6.66
N ALA A 125 -20.95 -8.15 5.38
CA ALA A 125 -21.66 -7.22 4.49
C ALA A 125 -23.06 -7.72 4.13
N THR A 126 -23.31 -9.00 4.37
CA THR A 126 -24.54 -9.66 3.93
C THR A 126 -25.73 -9.54 4.88
N LEU A 127 -25.51 -8.97 6.06
CA LEU A 127 -26.59 -8.82 7.05
C LEU A 127 -27.81 -8.14 6.45
N ASP A 128 -28.99 -8.67 6.77
CA ASP A 128 -30.25 -8.17 6.22
C ASP A 128 -30.54 -6.73 6.63
N VAL A 129 -29.92 -6.31 7.73
CA VAL A 129 -29.98 -4.93 8.19
C VAL A 129 -29.33 -3.98 7.17
N TYR A 130 -28.20 -4.43 6.60
CA TYR A 130 -27.44 -3.62 5.65
C TYR A 130 -27.98 -3.65 4.21
N ASP A 131 -29.14 -4.28 4.00
CA ASP A 131 -29.69 -4.44 2.65
C ASP A 131 -29.66 -3.13 1.85
N HIS A 132 -28.89 -3.15 0.76
CA HIS A 132 -28.60 -1.96 -0.03
C HIS A 132 -29.75 -1.53 -0.93
N ARG A 133 -30.61 -2.48 -1.27
CA ARG A 133 -31.66 -2.29 -2.27
C ARG A 133 -32.53 -1.05 -2.03
N ALA A 134 -32.86 -0.79 -0.77
CA ALA A 134 -33.69 0.35 -0.40
C ALA A 134 -32.96 1.69 -0.62
N LEU A 135 -31.75 1.80 -0.07
CA LEU A 135 -30.97 3.04 -0.17
C LEU A 135 -30.63 3.40 -1.61
N ALA A 136 -30.29 2.40 -2.41
CA ALA A 136 -29.94 2.59 -3.81
C ALA A 136 -31.12 3.13 -4.63
N SER A 137 -32.27 2.47 -4.49
CA SER A 137 -33.47 2.84 -5.24
C SER A 137 -34.05 4.19 -4.83
N GLU A 138 -34.06 4.44 -3.52
CA GLU A 138 -34.75 5.60 -2.96
C GLU A 138 -33.96 6.91 -3.11
N GLU A 139 -32.63 6.79 -3.11
CA GLU A 139 -31.76 7.96 -3.14
C GLU A 139 -31.04 8.13 -4.47
N ASN A 140 -31.29 7.19 -5.40
CA ASN A 140 -30.67 7.19 -6.72
C ASN A 140 -29.14 7.30 -6.65
N VAL A 141 -28.54 6.33 -5.98
CA VAL A 141 -27.11 6.28 -5.71
C VAL A 141 -26.68 4.82 -5.69
N ILE A 142 -25.57 4.49 -6.36
CA ILE A 142 -25.07 3.11 -6.35
C ILE A 142 -24.38 2.79 -5.00
N VAL A 143 -24.86 1.72 -4.35
CA VAL A 143 -24.39 1.36 -3.01
C VAL A 143 -23.43 0.17 -3.08
N VAL A 144 -22.28 0.31 -2.42
CA VAL A 144 -21.25 -0.72 -2.43
C VAL A 144 -20.95 -1.20 -1.00
N SER A 145 -20.71 -2.50 -0.85
CA SER A 145 -20.23 -3.06 0.41
C SER A 145 -19.11 -4.06 0.20
N LEU A 146 -18.20 -4.11 1.16
CA LEU A 146 -17.04 -4.99 1.09
C LEU A 146 -16.97 -5.92 2.28
N GLN A 147 -16.32 -7.06 2.08
CA GLN A 147 -15.98 -7.97 3.16
C GLN A 147 -14.52 -7.77 3.50
N TYR A 148 -14.21 -7.73 4.79
CA TYR A 148 -12.82 -7.68 5.23
C TYR A 148 -12.58 -8.70 6.33
N ARG A 149 -11.39 -9.28 6.34
CA ARG A 149 -11.01 -10.24 7.37
C ARG A 149 -11.11 -9.63 8.75
N VAL A 150 -11.61 -10.44 9.68
CA VAL A 150 -11.96 -9.97 11.00
C VAL A 150 -11.27 -10.84 12.04
N ALA A 151 -11.23 -10.38 13.29
CA ALA A 151 -10.55 -11.09 14.40
C ALA A 151 -9.07 -11.34 14.11
N SER A 152 -8.49 -12.34 14.78
CA SER A 152 -7.07 -12.70 14.60
C SER A 152 -6.72 -12.99 13.14
N LEU A 153 -7.68 -13.56 12.41
CA LEU A 153 -7.52 -13.89 11.00
C LEU A 153 -7.24 -12.66 10.11
N GLY A 154 -7.61 -11.49 10.61
CA GLY A 154 -7.39 -10.25 9.87
C GLY A 154 -6.59 -9.19 10.62
N PHE A 155 -6.23 -9.48 11.88
CA PHE A 155 -5.57 -8.48 12.71
C PHE A 155 -4.47 -9.01 13.64
N LEU A 156 -3.99 -10.22 13.38
CA LEU A 156 -2.87 -10.78 14.13
C LEU A 156 -1.60 -9.99 13.82
N PHE A 157 -0.94 -9.51 14.87
CA PHE A 157 0.32 -8.79 14.74
C PHE A 157 1.41 -9.46 15.57
N LEU A 158 2.57 -9.67 14.96
CA LEU A 158 3.73 -10.21 15.66
C LEU A 158 4.98 -9.35 15.47
N GLY A 159 4.98 -8.49 14.46
CA GLY A 159 6.14 -7.67 14.14
C GLY A 159 6.92 -8.22 12.97
N THR A 160 6.79 -9.52 12.72
CA THR A 160 7.40 -10.18 11.57
C THR A 160 6.59 -9.88 10.30
N PRO A 161 7.22 -9.99 9.12
CA PRO A 161 6.48 -9.84 7.86
C PRO A 161 5.47 -10.95 7.64
N GLU A 162 5.66 -12.07 8.33
CA GLU A 162 4.76 -13.23 8.26
C GLU A 162 3.41 -12.90 8.88
N ALA A 163 3.43 -12.06 9.91
CA ALA A 163 2.22 -11.55 10.55
C ALA A 163 2.41 -10.06 10.84
N PRO A 164 2.19 -9.20 9.81
CA PRO A 164 2.48 -7.77 9.91
C PRO A 164 1.36 -6.93 10.51
N GLY A 165 0.16 -7.52 10.63
CA GLY A 165 -0.99 -6.82 11.19
C GLY A 165 -1.77 -6.01 10.17
N ASN A 166 -2.99 -5.63 10.54
CA ASN A 166 -3.89 -4.80 9.73
C ASN A 166 -4.30 -5.42 8.39
N ALA A 167 -4.23 -6.74 8.30
CA ALA A 167 -4.63 -7.48 7.10
C ALA A 167 -6.05 -7.10 6.66
N GLY A 168 -6.94 -6.96 7.63
CA GLY A 168 -8.32 -6.54 7.37
C GLY A 168 -8.42 -5.14 6.80
N LEU A 169 -7.55 -4.25 7.27
CA LEU A 169 -7.51 -2.88 6.76
C LEU A 169 -6.96 -2.82 5.34
N PHE A 170 -5.96 -3.65 5.06
CA PHE A 170 -5.46 -3.80 3.69
C PHE A 170 -6.47 -4.51 2.81
N ASP A 171 -7.31 -5.36 3.42
CA ASP A 171 -8.46 -5.94 2.74
C ASP A 171 -9.41 -4.83 2.30
N GLN A 172 -9.71 -3.92 3.22
CA GLN A 172 -10.57 -2.77 2.95
C GLN A 172 -9.96 -1.86 1.89
N ASN A 173 -8.65 -1.62 2.01
CA ASN A 173 -7.91 -0.76 1.08
C ASN A 173 -7.93 -1.26 -0.35
N LEU A 174 -7.64 -2.55 -0.53
CA LEU A 174 -7.66 -3.19 -1.85
C LEU A 174 -9.04 -3.14 -2.48
N ALA A 175 -10.08 -3.22 -1.63
CA ALA A 175 -11.46 -3.08 -2.08
C ALA A 175 -11.75 -1.67 -2.59
N LEU A 176 -11.15 -0.67 -1.93
CA LEU A 176 -11.29 0.72 -2.37
C LEU A 176 -10.65 0.95 -3.73
N ARG A 177 -9.47 0.37 -3.93
CA ARG A 177 -8.76 0.51 -5.19
C ARG A 177 -9.46 -0.28 -6.30
N TRP A 178 -10.20 -1.33 -5.93
CA TRP A 178 -11.05 -2.05 -6.88
C TRP A 178 -12.21 -1.17 -7.32
N VAL A 179 -12.85 -0.51 -6.35
CA VAL A 179 -13.96 0.39 -6.64
C VAL A 179 -13.53 1.48 -7.61
N ARG A 180 -12.38 2.09 -7.35
CA ARG A 180 -11.85 3.16 -8.20
C ARG A 180 -11.64 2.70 -9.64
N ASP A 181 -11.14 1.47 -9.82
CA ASP A 181 -10.88 0.90 -11.14
C ASP A 181 -12.14 0.49 -11.90
N ASN A 182 -13.13 -0.03 -11.18
CA ASN A 182 -14.26 -0.71 -11.82
C ASN A 182 -15.65 -0.10 -11.65
N ILE A 183 -15.79 0.85 -10.74
CA ILE A 183 -17.12 1.36 -10.38
C ILE A 183 -17.80 2.14 -11.51
N HIS A 184 -17.00 2.70 -12.42
CA HIS A 184 -17.52 3.45 -13.57
C HIS A 184 -18.38 2.56 -14.46
N ARG A 185 -17.99 1.28 -14.55
CA ARG A 185 -18.67 0.30 -15.38
C ARG A 185 -20.08 -0.04 -14.87
N PHE A 186 -20.34 0.28 -13.59
CA PHE A 186 -21.64 0.04 -12.99
C PHE A 186 -22.50 1.30 -13.00
N GLY A 187 -21.87 2.44 -13.32
CA GLY A 187 -22.57 3.71 -13.36
C GLY A 187 -22.23 4.61 -12.19
N GLY A 188 -21.01 4.46 -11.67
CA GLY A 188 -20.53 5.27 -10.56
C GLY A 188 -19.41 6.20 -10.98
N ASP A 189 -19.31 7.34 -10.30
CA ASP A 189 -18.22 8.26 -10.53
C ASP A 189 -17.12 8.01 -9.50
N PRO A 190 -15.98 7.45 -9.94
CA PRO A 190 -14.89 7.03 -9.05
C PRO A 190 -14.24 8.17 -8.27
N SER A 191 -14.59 9.41 -8.60
CA SER A 191 -14.04 10.58 -7.93
C SER A 191 -14.89 11.03 -6.74
N ARG A 192 -16.16 10.63 -6.74
CA ARG A 192 -17.08 10.96 -5.65
C ARG A 192 -17.61 9.73 -4.90
N VAL A 193 -16.68 8.96 -4.35
CA VAL A 193 -17.00 7.83 -3.47
C VAL A 193 -16.94 8.31 -2.03
N THR A 194 -18.03 8.12 -1.29
CA THR A 194 -18.03 8.45 0.14
C THR A 194 -18.15 7.18 1.00
N LEU A 195 -17.21 7.04 1.94
CA LEU A 195 -17.18 5.91 2.86
C LEU A 195 -18.12 6.16 4.03
N PHE A 196 -18.93 5.17 4.37
CA PHE A 196 -19.72 5.24 5.59
C PHE A 196 -19.72 3.91 6.34
N GLY A 197 -19.53 3.99 7.65
CA GLY A 197 -19.47 2.82 8.52
C GLY A 197 -19.93 3.13 9.92
N GLU A 198 -20.12 2.08 10.71
CA GLU A 198 -20.57 2.22 12.09
C GLU A 198 -19.69 1.41 13.03
N SER A 199 -19.40 1.97 14.20
CA SER A 199 -18.56 1.33 15.21
C SER A 199 -17.15 1.07 14.68
N ALA A 200 -16.75 -0.20 14.60
CA ALA A 200 -15.46 -0.58 14.03
C ALA A 200 -15.38 -0.20 12.56
N GLY A 201 -16.52 -0.23 11.88
CA GLY A 201 -16.62 0.22 10.49
C GLY A 201 -16.38 1.71 10.38
N ALA A 202 -16.82 2.46 11.39
CA ALA A 202 -16.63 3.90 11.42
C ALA A 202 -15.17 4.27 11.70
N VAL A 203 -14.52 3.53 12.60
CA VAL A 203 -13.10 3.78 12.88
C VAL A 203 -12.24 3.30 11.71
N SER A 204 -12.83 2.46 10.86
CA SER A 204 -12.18 2.05 9.63
C SER A 204 -12.16 3.18 8.60
N VAL A 205 -13.31 3.81 8.37
CA VAL A 205 -13.37 4.94 7.43
C VAL A 205 -12.58 6.14 7.94
N SER A 206 -12.42 6.22 9.26
CA SER A 206 -11.63 7.27 9.88
C SER A 206 -10.14 7.03 9.68
N LEU A 207 -9.75 5.76 9.65
CA LEU A 207 -8.36 5.39 9.42
C LEU A 207 -7.95 5.55 7.96
N HIS A 208 -8.92 5.46 7.06
CA HIS A 208 -8.68 5.74 5.65
C HIS A 208 -8.47 7.24 5.42
N LEU A 209 -9.16 8.05 6.23
CA LEU A 209 -8.95 9.50 6.24
C LEU A 209 -7.54 9.87 6.71
N LEU A 210 -6.94 8.98 7.50
CA LEU A 210 -5.60 9.20 8.05
C LEU A 210 -4.51 8.53 7.22
N SER A 211 -4.81 7.37 6.65
CA SER A 211 -3.83 6.55 5.96
C SER A 211 -3.28 7.18 4.70
N ALA A 212 -1.99 6.96 4.47
CA ALA A 212 -1.29 7.43 3.28
C ALA A 212 -1.75 6.64 2.04
N LEU A 213 -1.89 5.34 2.20
CA LEU A 213 -2.26 4.44 1.10
C LEU A 213 -3.70 4.59 0.66
N SER A 214 -4.51 5.28 1.46
CA SER A 214 -5.94 5.38 1.21
C SER A 214 -6.43 6.78 0.82
N ARG A 215 -5.59 7.79 1.02
CA ARG A 215 -6.04 9.19 0.94
C ARG A 215 -6.56 9.66 -0.43
N ASP A 216 -6.12 9.01 -1.51
CA ASP A 216 -6.59 9.36 -2.85
C ASP A 216 -7.57 8.34 -3.42
N LEU A 217 -8.23 7.59 -2.54
CA LEU A 217 -9.11 6.50 -2.95
C LEU A 217 -10.61 6.81 -2.81
N PHE A 218 -10.93 7.85 -2.04
CA PHE A 218 -12.33 8.25 -1.82
C PHE A 218 -12.46 9.76 -1.70
N GLN A 219 -13.70 10.25 -1.62
CA GLN A 219 -13.96 11.69 -1.53
C GLN A 219 -14.32 12.15 -0.12
N ARG A 220 -15.46 11.69 0.39
CA ARG A 220 -15.98 12.11 1.68
C ARG A 220 -16.13 10.93 2.65
N ALA A 221 -16.54 11.22 3.88
CA ALA A 221 -16.72 10.18 4.89
C ALA A 221 -17.91 10.44 5.81
N ILE A 222 -18.70 9.40 6.07
CA ILE A 222 -19.74 9.42 7.10
C ILE A 222 -19.34 8.45 8.21
N LEU A 223 -19.31 8.94 9.44
CA LEU A 223 -18.81 8.15 10.57
C LEU A 223 -19.84 8.03 11.69
N GLN A 224 -20.52 6.90 11.73
CA GLN A 224 -21.55 6.65 12.73
C GLN A 224 -20.97 5.97 13.96
N SER A 225 -21.03 6.65 15.11
CA SER A 225 -20.64 6.11 16.40
C SER A 225 -19.22 5.51 16.44
N GLY A 226 -18.26 6.22 15.86
CA GLY A 226 -16.88 5.74 15.83
C GLY A 226 -15.85 6.77 15.40
N SER A 227 -14.67 6.71 15.98
CA SER A 227 -13.57 7.60 15.65
C SER A 227 -12.22 6.93 15.94
N PRO A 228 -11.15 7.35 15.23
CA PRO A 228 -9.86 6.65 15.34
C PRO A 228 -9.18 6.84 16.69
N THR A 229 -9.69 7.77 17.49
CA THR A 229 -9.11 8.07 18.80
C THR A 229 -9.75 7.27 19.94
N ALA A 230 -10.77 6.47 19.62
CA ALA A 230 -11.44 5.60 20.58
C ALA A 230 -10.46 4.61 21.22
N PRO A 231 -10.57 4.40 22.55
CA PRO A 231 -9.62 3.56 23.30
C PRO A 231 -9.53 2.12 22.80
N TRP A 232 -10.63 1.58 22.27
CA TRP A 232 -10.67 0.20 21.78
C TRP A 232 -10.18 0.03 20.35
N ALA A 233 -10.03 1.15 19.63
CA ALA A 233 -9.68 1.13 18.21
C ALA A 233 -8.30 0.55 17.92
N LEU A 234 -7.28 0.98 18.66
CA LEU A 234 -5.92 0.50 18.45
C LEU A 234 -5.31 -0.14 19.70
N VAL A 235 -4.35 -1.02 19.50
CA VAL A 235 -3.54 -1.56 20.58
C VAL A 235 -2.07 -1.34 20.28
N SER A 236 -1.27 -1.22 21.34
CA SER A 236 0.17 -1.07 21.21
C SER A 236 0.80 -2.31 20.57
N ARG A 237 2.00 -2.14 20.00
CA ARG A 237 2.74 -3.25 19.39
C ARG A 237 3.09 -4.31 20.43
N GLU A 238 3.54 -3.87 21.61
CA GLU A 238 3.87 -4.78 22.71
C GLU A 238 2.68 -5.67 23.02
N GLU A 239 1.54 -5.04 23.32
CA GLU A 239 0.32 -5.76 23.63
C GLU A 239 -0.07 -6.70 22.49
N ALA A 240 -0.18 -6.14 21.29
CA ALA A 240 -0.59 -6.90 20.09
C ALA A 240 0.22 -8.18 19.86
N THR A 241 1.52 -8.12 20.15
CA THR A 241 2.40 -9.29 20.05
C THR A 241 2.18 -10.27 21.20
N LEU A 242 1.97 -9.73 22.40
CA LEU A 242 1.68 -10.55 23.58
C LEU A 242 0.32 -11.23 23.46
N ARG A 243 -0.66 -10.49 22.91
CA ARG A 243 -1.98 -11.02 22.61
C ARG A 243 -1.87 -12.17 21.61
N ALA A 244 -0.97 -12.03 20.65
CA ALA A 244 -0.74 -13.03 19.62
C ALA A 244 -0.12 -14.29 20.20
N LEU A 245 0.94 -14.12 20.99
CA LEU A 245 1.63 -15.25 21.63
C LEU A 245 0.75 -15.98 22.65
N ARG A 246 -0.15 -15.24 23.30
CA ARG A 246 -1.13 -15.84 24.21
C ARG A 246 -2.15 -16.66 23.44
N LEU A 247 -2.51 -16.20 22.24
CA LEU A 247 -3.39 -16.97 21.35
C LEU A 247 -2.69 -18.23 20.89
N ALA A 248 -1.40 -18.12 20.59
CA ALA A 248 -0.57 -19.26 20.22
C ALA A 248 -0.50 -20.28 21.35
N GLU A 249 -0.28 -19.78 22.57
CA GLU A 249 -0.18 -20.62 23.76
C GLU A 249 -1.49 -21.32 24.08
N ALA A 250 -2.59 -20.59 24.03
CA ALA A 250 -3.92 -21.14 24.32
C ALA A 250 -4.34 -22.21 23.33
N VAL A 251 -4.03 -21.99 22.04
CA VAL A 251 -4.42 -22.93 20.98
C VAL A 251 -3.45 -24.13 20.88
N GLY A 252 -2.32 -24.05 21.59
CA GLY A 252 -1.38 -25.15 21.72
C GLY A 252 -0.17 -25.11 20.80
N CYS A 253 0.25 -23.90 20.43
CA CYS A 253 1.40 -23.68 19.55
C CYS A 253 2.61 -23.15 20.31
N PRO A 254 3.82 -23.27 19.71
CA PRO A 254 4.99 -22.58 20.26
C PRO A 254 4.73 -21.08 20.42
N HIS A 255 5.09 -20.54 21.58
CA HIS A 255 4.74 -19.17 21.93
C HIS A 255 5.92 -18.38 22.49
N GLU A 256 7.13 -18.78 22.11
CA GLU A 256 8.34 -18.13 22.62
C GLU A 256 8.67 -16.87 21.82
N PRO A 257 8.81 -15.73 22.52
CA PRO A 257 9.06 -14.42 21.88
C PRO A 257 10.45 -14.31 21.24
N SER A 258 11.20 -15.41 21.23
CA SER A 258 12.51 -15.46 20.60
C SER A 258 12.36 -15.87 19.13
N LYS A 259 11.72 -17.01 18.90
CA LYS A 259 11.45 -17.52 17.56
C LYS A 259 9.98 -17.36 17.18
N LEU A 260 9.67 -16.26 16.49
CA LEU A 260 8.30 -15.91 16.15
C LEU A 260 7.78 -16.66 14.92
N SER A 261 8.68 -16.95 13.98
CA SER A 261 8.31 -17.65 12.75
C SER A 261 7.82 -19.09 13.01
N ASP A 262 8.19 -19.63 14.17
CA ASP A 262 7.69 -20.93 14.61
C ASP A 262 6.21 -20.85 15.00
N ALA A 263 5.84 -19.73 15.63
CA ALA A 263 4.48 -19.52 16.10
C ALA A 263 3.50 -19.34 14.94
N VAL A 264 3.83 -18.43 14.03
CA VAL A 264 2.97 -18.12 12.88
C VAL A 264 2.75 -19.35 11.98
N GLU A 265 3.81 -20.12 11.75
CA GLU A 265 3.74 -21.34 10.95
C GLU A 265 2.79 -22.35 11.57
N CYS A 266 2.85 -22.48 12.90
CA CYS A 266 1.94 -23.36 13.65
C CYS A 266 0.50 -22.85 13.55
N LEU A 267 0.32 -21.53 13.69
CA LEU A 267 -0.99 -20.90 13.64
C LEU A 267 -1.67 -21.04 12.27
N ARG A 268 -0.86 -21.10 11.22
CA ARG A 268 -1.36 -21.33 9.86
C ARG A 268 -1.90 -22.76 9.71
N GLY A 269 -1.47 -23.65 10.60
CA GLY A 269 -1.91 -25.04 10.58
C GLY A 269 -3.27 -25.26 11.23
N LYS A 270 -3.54 -24.54 12.32
CA LYS A 270 -4.75 -24.74 13.12
C LYS A 270 -6.04 -24.29 12.41
N ASP A 271 -7.16 -24.89 12.82
CA ASP A 271 -8.47 -24.62 12.25
C ASP A 271 -8.85 -23.14 12.42
N PRO A 272 -9.44 -22.53 11.38
CA PRO A 272 -9.88 -21.13 11.47
C PRO A 272 -10.82 -20.86 12.66
N HIS A 273 -11.76 -21.78 12.91
CA HIS A 273 -12.71 -21.64 14.01
C HIS A 273 -12.08 -21.84 15.37
N VAL A 274 -11.20 -22.83 15.49
CA VAL A 274 -10.51 -23.08 16.76
C VAL A 274 -9.57 -21.91 17.10
N LEU A 275 -9.31 -21.07 16.11
CA LEU A 275 -8.42 -19.93 16.26
C LEU A 275 -9.17 -18.70 16.79
N VAL A 276 -10.37 -18.47 16.27
CA VAL A 276 -11.17 -17.29 16.65
C VAL A 276 -11.85 -17.44 18.01
N ASN A 277 -12.01 -18.68 18.48
CA ASN A 277 -12.73 -18.94 19.74
C ASN A 277 -11.87 -18.85 21.00
N ASN A 278 -10.56 -18.96 20.82
CA ASN A 278 -9.63 -18.97 21.95
C ASN A 278 -8.92 -17.63 22.17
N GLU A 279 -9.29 -16.63 21.39
CA GLU A 279 -8.67 -15.30 21.49
C GLU A 279 -9.24 -14.47 22.63
N TRP A 280 -10.36 -14.93 23.20
CA TRP A 280 -11.03 -14.21 24.26
C TRP A 280 -10.58 -14.65 25.64
N GLY A 281 -9.62 -13.91 26.19
CA GLY A 281 -9.08 -14.19 27.52
C GLY A 281 -9.70 -13.29 28.57
N THR A 282 -8.85 -12.53 29.27
CA THR A 282 -9.33 -11.58 30.26
C THR A 282 -9.23 -10.15 29.70
N LEU A 283 -10.35 -9.66 29.17
CA LEU A 283 -10.43 -8.32 28.59
C LEU A 283 -11.52 -7.51 29.26
N GLY A 284 -11.22 -6.24 29.54
CA GLY A 284 -12.19 -5.33 30.17
C GLY A 284 -13.35 -4.97 29.26
N ILE A 285 -14.24 -4.13 29.77
CA ILE A 285 -15.35 -3.61 28.97
C ILE A 285 -14.81 -2.84 27.76
N CYS A 286 -15.43 -3.06 26.60
CA CYS A 286 -15.02 -2.44 25.33
C CYS A 286 -13.53 -2.62 25.03
N GLU A 287 -13.03 -3.84 25.25
CA GLU A 287 -11.68 -4.22 24.88
C GLU A 287 -11.76 -5.43 23.95
N PHE A 288 -11.21 -5.29 22.75
CA PHE A 288 -11.27 -6.35 21.76
C PHE A 288 -9.88 -6.89 21.46
N PRO A 289 -9.74 -8.23 21.42
CA PRO A 289 -8.42 -8.89 21.41
C PRO A 289 -7.57 -8.58 20.18
N PHE A 290 -8.20 -8.51 19.00
CA PHE A 290 -7.46 -8.27 17.77
C PHE A 290 -8.05 -7.14 16.94
N VAL A 291 -7.30 -6.04 16.90
CA VAL A 291 -7.72 -4.78 16.29
C VAL A 291 -6.55 -4.16 15.52
N PRO A 292 -6.80 -3.05 14.78
CA PRO A 292 -5.75 -2.34 14.05
C PRO A 292 -4.56 -1.93 14.93
N VAL A 293 -3.38 -1.91 14.31
CA VAL A 293 -2.14 -1.54 14.97
C VAL A 293 -1.38 -0.57 14.06
N VAL A 294 -0.64 0.36 14.66
CA VAL A 294 0.24 1.25 13.89
C VAL A 294 1.43 0.45 13.32
N ASP A 295 1.30 0.03 12.06
CA ASP A 295 2.19 -0.95 11.45
C ASP A 295 3.45 -0.35 10.79
N GLY A 296 3.29 0.76 10.08
CA GLY A 296 4.40 1.40 9.36
C GLY A 296 4.03 1.81 7.95
N ALA A 297 3.13 1.05 7.33
CA ALA A 297 2.68 1.32 5.97
C ALA A 297 1.30 1.96 5.92
N PHE A 298 0.29 1.28 6.49
CA PHE A 298 -1.07 1.80 6.53
C PHE A 298 -1.19 2.97 7.51
N LEU A 299 -0.55 2.82 8.68
CA LEU A 299 -0.40 3.92 9.63
C LEU A 299 1.05 3.93 10.10
N ASP A 300 1.69 5.10 10.07
CA ASP A 300 3.07 5.22 10.57
C ASP A 300 3.17 6.06 11.85
N GLU A 301 2.02 6.46 12.39
CA GLU A 301 1.93 7.11 13.69
C GLU A 301 0.54 6.87 14.29
N THR A 302 0.44 7.02 15.61
CA THR A 302 -0.84 6.91 16.31
C THR A 302 -1.81 8.00 15.81
N PRO A 303 -3.11 7.66 15.71
CA PRO A 303 -4.12 8.64 15.31
C PRO A 303 -4.15 9.86 16.23
N GLN A 304 -3.76 9.67 17.49
CA GLN A 304 -3.60 10.75 18.47
C GLN A 304 -2.64 11.81 17.94
N ARG A 305 -1.45 11.36 17.54
CA ARG A 305 -0.41 12.23 16.99
C ARG A 305 -0.79 12.76 15.60
N SER A 306 -1.50 11.93 14.84
CA SER A 306 -1.92 12.30 13.49
C SER A 306 -3.01 13.37 13.52
N LEU A 307 -3.83 13.35 14.58
CA LEU A 307 -4.84 14.39 14.79
C LEU A 307 -4.22 15.68 15.31
N ALA A 308 -3.26 15.54 16.22
CA ALA A 308 -2.55 16.69 16.80
C ALA A 308 -1.83 17.50 15.73
N SER A 309 -1.18 16.81 14.80
CA SER A 309 -0.41 17.45 13.73
C SER A 309 -1.28 17.86 12.54
N GLY A 310 -2.52 17.39 12.51
CA GLY A 310 -3.45 17.74 11.45
C GLY A 310 -3.25 16.96 10.16
N ARG A 311 -2.52 15.85 10.25
CA ARG A 311 -2.25 15.01 9.08
C ARG A 311 -3.41 14.08 8.76
N PHE A 312 -4.46 14.66 8.18
CA PHE A 312 -5.62 13.91 7.70
C PHE A 312 -6.20 14.58 6.48
N LYS A 313 -6.92 13.80 5.67
CA LYS A 313 -7.52 14.28 4.42
C LYS A 313 -8.37 15.54 4.62
N LYS A 314 -8.18 16.52 3.74
CA LYS A 314 -9.04 17.71 3.73
C LYS A 314 -10.33 17.32 3.01
N THR A 315 -11.42 17.23 3.78
CA THR A 315 -12.73 16.87 3.24
C THR A 315 -13.82 17.00 4.30
N GLU A 316 -15.08 17.08 3.84
CA GLU A 316 -16.22 17.18 4.74
C GLU A 316 -16.52 15.83 5.37
N ILE A 317 -16.89 15.84 6.66
CA ILE A 317 -17.29 14.62 7.35
C ILE A 317 -18.63 14.77 8.07
N LEU A 318 -19.44 13.72 8.02
CA LEU A 318 -20.71 13.66 8.77
C LEU A 318 -20.60 12.58 9.84
N THR A 319 -20.76 12.99 11.09
CA THR A 319 -20.51 12.09 12.22
C THR A 319 -21.53 12.32 13.34
N GLY A 320 -21.58 11.39 14.31
CA GLY A 320 -22.48 11.53 15.45
C GLY A 320 -22.65 10.28 16.28
N SER A 321 -23.33 10.43 17.42
CA SER A 321 -23.51 9.35 18.39
C SER A 321 -24.98 9.06 18.66
N ASN A 322 -25.24 7.97 19.37
CA ASN A 322 -26.56 7.68 19.94
C ASN A 322 -26.58 8.08 21.41
N THR A 323 -27.77 8.08 22.02
CA THR A 323 -27.92 8.51 23.41
C THR A 323 -27.46 7.47 24.43
N GLU A 324 -27.66 6.20 24.11
CA GLU A 324 -27.30 5.10 25.01
C GLU A 324 -26.27 4.14 24.40
N GLU A 325 -25.08 4.66 24.12
CA GLU A 325 -24.02 3.88 23.50
C GLU A 325 -23.54 2.75 24.42
N GLY A 326 -23.44 3.04 25.70
CA GLY A 326 -22.88 2.12 26.69
C GLY A 326 -23.63 0.84 26.98
N TYR A 327 -24.96 0.91 27.02
CA TYR A 327 -25.80 -0.22 27.45
C TYR A 327 -25.49 -1.54 26.75
N TYR A 328 -25.32 -1.49 25.43
CA TYR A 328 -25.07 -2.71 24.63
C TYR A 328 -23.93 -3.55 25.21
N PHE A 329 -22.80 -2.89 25.43
CA PHE A 329 -21.58 -3.57 25.84
C PHE A 329 -21.59 -3.97 27.32
N ILE A 330 -22.32 -3.21 28.14
CA ILE A 330 -22.51 -3.55 29.55
C ILE A 330 -23.39 -4.79 29.66
N ILE A 331 -24.50 -4.80 28.93
CA ILE A 331 -25.42 -5.93 28.88
C ILE A 331 -24.68 -7.25 28.67
N TYR A 332 -23.70 -7.24 27.77
CA TYR A 332 -22.87 -8.41 27.52
C TYR A 332 -21.76 -8.59 28.55
N TYR A 333 -21.15 -7.48 28.99
CA TYR A 333 -20.03 -7.56 29.92
C TYR A 333 -20.47 -7.85 31.36
N LEU A 334 -21.11 -6.88 32.01
CA LEU A 334 -21.67 -7.09 33.34
C LEU A 334 -22.94 -7.90 33.22
N THR A 335 -22.77 -9.20 32.99
CA THR A 335 -23.88 -10.09 32.66
C THR A 335 -24.83 -10.37 33.82
N GLU A 336 -24.31 -10.32 35.04
CA GLU A 336 -25.07 -10.67 36.24
C GLU A 336 -25.88 -9.49 36.75
N LEU A 337 -25.29 -8.29 36.66
CA LEU A 337 -26.00 -7.05 36.95
C LEU A 337 -26.66 -6.56 35.68
N LEU A 338 -27.81 -5.91 35.80
CA LEU A 338 -28.60 -5.46 34.65
C LEU A 338 -28.65 -6.50 33.50
N ARG A 339 -29.30 -7.62 33.79
CA ARG A 339 -29.50 -8.67 32.79
C ARG A 339 -30.62 -8.30 31.81
N LYS A 340 -30.89 -9.19 30.86
CA LYS A 340 -31.83 -8.92 29.76
C LYS A 340 -33.30 -9.00 30.22
N GLU A 341 -33.58 -8.43 31.39
CA GLU A 341 -34.94 -8.41 31.94
C GLU A 341 -35.61 -7.06 31.71
N GLU A 342 -36.92 -7.05 31.82
CA GLU A 342 -37.70 -5.81 31.76
C GLU A 342 -37.62 -5.11 33.12
N GLY A 343 -37.43 -3.78 33.08
CA GLY A 343 -37.42 -2.95 34.28
C GLY A 343 -36.35 -3.28 35.32
N VAL A 344 -35.13 -3.50 34.86
CA VAL A 344 -34.00 -3.77 35.77
C VAL A 344 -33.44 -2.45 36.32
N THR A 345 -32.87 -2.50 37.52
CA THR A 345 -32.31 -1.31 38.19
C THR A 345 -31.01 -1.63 38.92
N VAL A 346 -30.24 -0.57 39.23
CA VAL A 346 -28.95 -0.71 39.91
C VAL A 346 -28.92 0.10 41.21
N THR A 347 -28.59 -0.57 42.31
CA THR A 347 -28.44 0.09 43.62
C THR A 347 -27.15 0.90 43.66
N ARG A 348 -27.10 1.88 44.57
CA ARG A 348 -25.92 2.75 44.72
C ARG A 348 -24.66 1.94 45.03
N GLU A 349 -24.83 0.89 45.83
CA GLU A 349 -23.74 0.01 46.21
C GLU A 349 -23.23 -0.78 45.01
N GLU A 350 -24.16 -1.23 44.17
CA GLU A 350 -23.84 -1.93 42.93
C GLU A 350 -23.21 -1.01 41.88
N PHE A 351 -23.60 0.27 41.92
CA PHE A 351 -23.01 1.29 41.06
C PHE A 351 -21.56 1.56 41.46
N LEU A 352 -21.33 1.70 42.76
CA LEU A 352 -19.98 1.96 43.30
C LEU A 352 -19.01 0.83 43.00
N GLN A 353 -19.53 -0.40 42.94
CA GLN A 353 -18.73 -1.56 42.56
C GLN A 353 -18.52 -1.61 41.05
N ALA A 354 -19.55 -1.21 40.30
CA ALA A 354 -19.50 -1.24 38.84
C ALA A 354 -18.42 -0.33 38.24
N VAL A 355 -18.25 0.86 38.80
CA VAL A 355 -17.24 1.80 38.29
C VAL A 355 -15.82 1.23 38.39
N ARG A 356 -15.60 0.35 39.37
CA ARG A 356 -14.32 -0.33 39.52
C ARG A 356 -14.16 -1.40 38.44
N GLU A 357 -15.26 -2.09 38.12
CA GLU A 357 -15.26 -3.14 37.10
C GLU A 357 -15.26 -2.59 35.68
N LEU A 358 -15.70 -1.35 35.52
CA LEU A 358 -15.77 -0.71 34.20
C LEU A 358 -14.57 0.19 33.91
N ASN A 359 -13.94 0.71 34.96
CA ASN A 359 -12.70 1.46 34.82
C ASN A 359 -11.62 0.80 35.69
N PRO A 360 -11.11 -0.35 35.24
CA PRO A 360 -10.24 -1.16 36.10
C PRO A 360 -8.78 -0.71 36.09
N TYR A 361 -8.50 0.46 35.55
CA TYR A 361 -7.12 0.95 35.43
C TYR A 361 -6.83 2.20 36.24
N VAL A 362 -7.87 2.98 36.53
CA VAL A 362 -7.74 4.21 37.32
C VAL A 362 -7.47 3.90 38.81
N ASN A 363 -6.77 4.81 39.47
CA ASN A 363 -6.15 4.53 40.78
C ASN A 363 -7.07 4.41 42.00
N GLY A 364 -8.06 5.29 42.10
CA GLY A 364 -8.94 5.33 43.27
C GLY A 364 -9.43 6.74 43.53
N ALA A 365 -8.53 7.70 43.43
CA ALA A 365 -8.89 9.11 43.43
C ALA A 365 -9.64 9.43 42.14
N ALA A 366 -9.26 8.74 41.06
CA ALA A 366 -9.91 8.87 39.77
C ALA A 366 -11.26 8.16 39.73
N ARG A 367 -11.36 7.04 40.44
CA ARG A 367 -12.66 6.35 40.61
C ARG A 367 -13.69 7.26 41.28
N GLN A 368 -13.25 8.01 42.28
CA GLN A 368 -14.11 8.92 43.01
C GLN A 368 -14.47 10.14 42.18
N ALA A 369 -13.56 10.53 41.30
CA ALA A 369 -13.80 11.62 40.34
C ALA A 369 -14.86 11.20 39.33
N ILE A 370 -14.90 9.91 39.02
CA ILE A 370 -15.90 9.35 38.11
C ILE A 370 -17.26 9.29 38.80
N VAL A 371 -17.31 8.69 40.00
CA VAL A 371 -18.58 8.56 40.73
C VAL A 371 -19.25 9.91 40.99
N PHE A 372 -18.45 10.94 41.24
CA PHE A 372 -19.00 12.28 41.42
C PHE A 372 -19.57 12.82 40.10
N GLU A 373 -18.84 12.62 39.01
CA GLU A 373 -19.24 13.12 37.70
C GLU A 373 -20.49 12.41 37.17
N TYR A 374 -20.66 11.15 37.56
CA TYR A 374 -21.78 10.34 37.07
C TYR A 374 -22.82 9.98 38.14
N THR A 375 -23.13 10.95 38.99
CA THR A 375 -24.20 10.82 39.97
C THR A 375 -25.26 11.89 39.71
N ASP A 376 -26.51 11.47 39.63
CA ASP A 376 -27.62 12.41 39.56
C ASP A 376 -27.83 12.98 40.96
N TRP A 377 -27.25 14.15 41.21
CA TRP A 377 -27.23 14.73 42.56
C TRP A 377 -28.59 15.31 43.00
N THR A 378 -29.59 15.16 42.14
CA THR A 378 -30.98 15.39 42.52
C THR A 378 -31.44 14.26 43.43
N GLU A 379 -31.38 13.03 42.92
CA GLU A 379 -31.64 11.83 43.72
C GLU A 379 -30.44 10.88 43.60
N PRO A 380 -29.41 11.07 44.45
CA PRO A 380 -28.14 10.32 44.35
C PRO A 380 -28.26 8.81 44.46
N ASP A 381 -29.31 8.33 45.12
CA ASP A 381 -29.50 6.89 45.36
C ASP A 381 -30.51 6.24 44.41
N ASN A 382 -31.12 7.03 43.52
CA ASN A 382 -32.14 6.55 42.60
C ASN A 382 -31.65 5.38 41.74
N PRO A 383 -32.35 4.23 41.83
CA PRO A 383 -32.01 3.01 41.10
C PRO A 383 -31.96 3.20 39.58
N ASN A 384 -32.85 4.03 39.03
CA ASN A 384 -32.83 4.35 37.60
C ASN A 384 -31.65 5.24 37.21
N SER A 385 -31.39 6.26 38.02
CA SER A 385 -30.26 7.16 37.80
C SER A 385 -28.93 6.40 37.80
N ASN A 386 -28.74 5.54 38.79
CA ASN A 386 -27.51 4.76 38.94
C ASN A 386 -27.28 3.73 37.84
N ARG A 387 -28.36 3.25 37.22
CA ARG A 387 -28.25 2.35 36.08
C ARG A 387 -27.91 3.14 34.82
N ASP A 388 -28.62 4.26 34.60
CA ASP A 388 -28.38 5.14 33.47
C ASP A 388 -26.98 5.74 33.52
N ALA A 389 -26.47 5.91 34.75
CA ALA A 389 -25.13 6.40 34.99
C ALA A 389 -24.08 5.49 34.35
N LEU A 390 -24.29 4.18 34.45
CA LEU A 390 -23.37 3.20 33.88
C LEU A 390 -23.31 3.30 32.36
N ASP A 391 -24.47 3.46 31.73
CA ASP A 391 -24.54 3.64 30.28
C ASP A 391 -23.73 4.85 29.84
N LYS A 392 -23.87 5.96 30.55
CA LYS A 392 -23.22 7.22 30.20
C LYS A 392 -21.70 7.19 30.34
N MET A 393 -21.21 6.71 31.48
CA MET A 393 -19.77 6.67 31.75
C MET A 393 -19.02 5.72 30.81
N VAL A 394 -19.74 4.73 30.28
CA VAL A 394 -19.17 3.81 29.29
C VAL A 394 -19.30 4.43 27.90
N GLY A 395 -20.52 4.86 27.56
CA GLY A 395 -20.81 5.47 26.26
C GLY A 395 -20.03 6.73 25.94
N ASP A 396 -19.68 7.51 26.97
CA ASP A 396 -18.91 8.73 26.78
C ASP A 396 -17.45 8.42 26.50
N TYR A 397 -16.81 7.68 27.41
CA TYR A 397 -15.38 7.39 27.33
C TYR A 397 -15.03 6.59 26.08
N HIS A 398 -15.85 5.61 25.75
CA HIS A 398 -15.58 4.70 24.65
C HIS A 398 -16.12 5.15 23.30
N PHE A 399 -17.12 6.05 23.30
CA PHE A 399 -17.77 6.43 22.05
C PHE A 399 -17.99 7.93 21.83
N THR A 400 -19.02 8.49 22.49
CA THR A 400 -19.46 9.87 22.24
C THR A 400 -18.33 10.89 22.25
N CYS A 401 -17.49 10.84 23.28
CA CYS A 401 -16.42 11.82 23.46
C CYS A 401 -15.34 11.78 22.40
N ASN A 402 -15.01 10.58 21.96
CA ASN A 402 -14.03 10.38 20.90
C ASN A 402 -14.54 10.85 19.55
N VAL A 403 -15.84 10.66 19.31
CA VAL A 403 -16.50 11.16 18.12
C VAL A 403 -16.47 12.68 18.09
N ASN A 404 -16.74 13.30 19.25
CA ASN A 404 -16.67 14.74 19.42
C ASN A 404 -15.28 15.28 19.10
N GLU A 405 -14.27 14.61 19.66
CA GLU A 405 -12.88 15.01 19.48
C GLU A 405 -12.49 15.04 18.01
N PHE A 406 -12.83 13.98 17.28
CA PHE A 406 -12.51 13.87 15.86
C PHE A 406 -13.21 14.94 15.04
N ALA A 407 -14.49 15.17 15.32
CA ALA A 407 -15.29 16.15 14.58
C ALA A 407 -14.75 17.57 14.77
N GLN A 408 -14.41 17.92 16.00
CA GLN A 408 -13.88 19.23 16.32
C GLN A 408 -12.51 19.42 15.68
N ARG A 409 -11.66 18.41 15.81
CA ARG A 409 -10.31 18.43 15.26
C ARG A 409 -10.34 18.63 13.74
N TYR A 410 -11.33 18.04 13.08
CA TYR A 410 -11.55 18.24 11.65
C TYR A 410 -12.07 19.65 11.36
N ALA A 411 -12.95 20.15 12.22
CA ALA A 411 -13.51 21.49 12.08
C ALA A 411 -12.44 22.57 12.29
N GLU A 412 -11.62 22.38 13.33
CA GLU A 412 -10.53 23.30 13.65
C GLU A 412 -9.57 23.50 12.49
N GLU A 413 -9.37 22.44 11.71
CA GLU A 413 -8.47 22.49 10.57
C GLU A 413 -9.18 23.06 9.32
N GLY A 414 -10.36 23.62 9.52
CA GLY A 414 -11.08 24.31 8.46
C GLY A 414 -11.97 23.45 7.59
N ASN A 415 -12.26 22.23 8.05
CA ASN A 415 -13.14 21.33 7.32
C ASN A 415 -14.59 21.45 7.77
N ASN A 416 -15.50 21.31 6.82
CA ASN A 416 -16.94 21.31 7.11
C ASN A 416 -17.38 20.01 7.78
N VAL A 417 -17.99 20.14 8.95
CA VAL A 417 -18.42 18.99 9.73
C VAL A 417 -19.91 19.09 10.01
N TYR A 418 -20.60 17.94 10.00
CA TYR A 418 -22.00 17.88 10.39
C TYR A 418 -22.19 16.81 11.46
N MET A 419 -22.56 17.27 12.65
CA MET A 419 -22.71 16.39 13.81
C MET A 419 -24.19 16.08 14.05
N TYR A 420 -24.46 14.82 14.39
CA TYR A 420 -25.82 14.39 14.73
C TYR A 420 -25.90 13.74 16.10
N LEU A 421 -27.07 13.81 16.72
CA LEU A 421 -27.37 13.02 17.91
C LEU A 421 -28.65 12.22 17.64
N TYR A 422 -28.49 10.91 17.53
CA TYR A 422 -29.61 10.03 17.20
C TYR A 422 -30.34 9.60 18.49
N THR A 423 -31.57 10.09 18.64
CA THR A 423 -32.34 9.94 19.88
C THR A 423 -33.61 9.12 19.72
N HIS A 424 -33.87 8.65 18.50
CA HIS A 424 -35.12 7.94 18.22
C HIS A 424 -35.06 6.46 18.54
N ARG A 425 -35.92 6.02 19.46
CA ARG A 425 -36.09 4.60 19.75
C ARG A 425 -37.21 4.05 18.87
N SER A 426 -36.88 3.02 18.09
CA SER A 426 -37.84 2.34 17.24
C SER A 426 -38.93 1.70 18.10
N LYS A 427 -40.18 1.79 17.64
CA LYS A 427 -41.31 1.29 18.42
C LYS A 427 -41.25 -0.22 18.61
N GLY A 428 -41.10 -0.95 17.51
CA GLY A 428 -41.00 -2.41 17.56
C GLY A 428 -39.61 -2.88 17.96
N ASN A 429 -39.16 -2.44 19.13
CA ASN A 429 -37.83 -2.78 19.62
C ASN A 429 -37.84 -4.08 20.41
N PRO A 430 -36.91 -5.01 20.08
CA PRO A 430 -36.80 -6.30 20.78
C PRO A 430 -36.22 -6.21 22.20
N TRP A 431 -35.38 -5.21 22.45
CA TRP A 431 -34.71 -5.04 23.74
C TRP A 431 -35.67 -4.43 24.79
N PRO A 432 -35.33 -4.55 26.09
CA PRO A 432 -36.15 -3.95 27.15
C PRO A 432 -36.19 -2.42 27.06
N ARG A 433 -37.25 -1.82 27.61
CA ARG A 433 -37.48 -0.37 27.50
C ARG A 433 -36.38 0.49 28.13
N TRP A 434 -35.72 -0.02 29.17
CA TRP A 434 -34.68 0.73 29.87
C TRP A 434 -33.41 0.93 29.06
N THR A 435 -33.23 0.13 28.02
CA THR A 435 -32.02 0.17 27.20
C THR A 435 -31.95 1.42 26.32
N GLY A 436 -33.11 1.99 26.01
CA GLY A 436 -33.18 3.22 25.21
C GLY A 436 -32.66 3.05 23.80
N VAL A 437 -32.01 4.10 23.29
CA VAL A 437 -31.44 4.10 21.93
C VAL A 437 -29.98 3.64 21.99
N MET A 438 -29.78 2.35 21.77
CA MET A 438 -28.46 1.72 21.93
C MET A 438 -27.56 1.88 20.71
N HIS A 439 -26.31 1.47 20.90
CA HIS A 439 -25.30 1.42 19.84
C HIS A 439 -25.84 0.70 18.61
N GLY A 440 -25.87 1.40 17.48
CA GLY A 440 -26.25 0.79 16.21
C GLY A 440 -27.73 0.71 15.90
N ASP A 441 -28.54 1.52 16.59
CA ASP A 441 -29.97 1.58 16.33
C ASP A 441 -30.29 2.35 15.05
N GLU A 442 -29.37 3.22 14.64
CA GLU A 442 -29.55 4.10 13.48
C GLU A 442 -29.45 3.34 12.15
N ILE A 443 -28.69 2.23 12.16
CA ILE A 443 -28.44 1.44 10.95
C ILE A 443 -29.72 1.14 10.17
N ASN A 444 -30.75 0.68 10.88
CA ASN A 444 -32.03 0.31 10.29
C ASN A 444 -32.66 1.45 9.48
N TYR A 445 -32.54 2.67 10.00
CA TYR A 445 -33.13 3.83 9.35
C TYR A 445 -32.23 4.36 8.23
N VAL A 446 -30.92 4.21 8.41
CA VAL A 446 -29.93 4.61 7.39
C VAL A 446 -30.12 3.80 6.10
N PHE A 447 -30.33 2.50 6.24
CA PHE A 447 -30.46 1.63 5.07
C PHE A 447 -31.91 1.46 4.57
N GLY A 448 -32.83 2.20 5.19
CA GLY A 448 -34.23 2.22 4.77
C GLY A 448 -34.99 0.93 5.03
N GLU A 449 -34.81 0.37 6.22
CA GLU A 449 -35.51 -0.84 6.61
C GLU A 449 -36.99 -0.59 6.96
N PRO A 450 -37.33 0.62 7.46
CA PRO A 450 -38.75 0.93 7.66
C PRO A 450 -39.58 0.94 6.39
N LEU A 451 -38.93 1.15 5.25
CA LEU A 451 -39.59 1.16 3.94
C LEU A 451 -40.01 -0.24 3.49
N ASN A 452 -39.63 -1.25 4.28
CA ASN A 452 -40.13 -2.61 4.11
C ASN A 452 -41.42 -2.78 4.92
N PRO A 453 -42.58 -2.87 4.22
CA PRO A 453 -43.87 -2.90 4.90
C PRO A 453 -44.14 -4.20 5.67
N THR A 454 -43.35 -5.24 5.40
CA THR A 454 -43.50 -6.52 6.08
C THR A 454 -42.90 -6.50 7.48
N LEU A 455 -42.21 -5.42 7.81
CA LEU A 455 -41.56 -5.29 9.13
C LEU A 455 -42.37 -4.42 10.10
N GLY A 456 -43.45 -3.82 9.62
CA GLY A 456 -44.43 -3.14 10.46
C GLY A 456 -43.94 -1.91 11.20
N TYR A 457 -43.09 -1.12 10.55
CA TYR A 457 -42.65 0.16 11.11
C TYR A 457 -43.78 1.19 11.00
N THR A 458 -43.86 2.08 11.99
CA THR A 458 -44.92 3.11 12.02
C THR A 458 -44.77 4.11 10.87
N GLU A 459 -45.86 4.79 10.54
CA GLU A 459 -45.89 5.74 9.43
C GLU A 459 -44.91 6.91 9.63
N ASP A 460 -44.82 7.40 10.86
CA ASP A 460 -43.87 8.45 11.21
C ASP A 460 -42.42 7.97 11.09
N GLU A 461 -42.19 6.71 11.47
CA GLU A 461 -40.88 6.07 11.34
C GLU A 461 -40.49 5.87 9.89
N LYS A 462 -41.48 5.59 9.03
CA LYS A 462 -41.25 5.46 7.60
C LYS A 462 -40.77 6.76 6.99
N ASP A 463 -41.34 7.87 7.44
CA ASP A 463 -40.92 9.21 7.01
C ASP A 463 -39.57 9.59 7.59
N PHE A 464 -39.33 9.17 8.83
CA PHE A 464 -38.06 9.42 9.52
C PHE A 464 -36.88 8.78 8.78
N SER A 465 -37.11 7.57 8.26
CA SER A 465 -36.08 6.86 7.50
C SER A 465 -35.76 7.58 6.18
N ARG A 466 -36.79 8.00 5.45
CA ARG A 466 -36.61 8.79 4.23
C ARG A 466 -35.89 10.10 4.50
N LYS A 467 -36.13 10.67 5.69
CA LYS A 467 -35.50 11.92 6.11
C LYS A 467 -34.01 11.77 6.30
N ILE A 468 -33.59 10.73 7.03
CA ILE A 468 -32.17 10.53 7.32
C ILE A 468 -31.42 9.86 6.15
N MET A 469 -32.15 9.11 5.33
CA MET A 469 -31.59 8.57 4.08
C MET A 469 -31.20 9.69 3.13
N ARG A 470 -32.03 10.74 3.11
CA ARG A 470 -31.76 11.92 2.31
C ARG A 470 -30.54 12.66 2.84
N TYR A 471 -30.58 13.07 4.11
CA TYR A 471 -29.45 13.73 4.76
C TYR A 471 -28.12 13.06 4.36
N TRP A 472 -28.05 11.76 4.62
CA TRP A 472 -26.89 10.95 4.28
C TRP A 472 -26.56 11.03 2.79
N SER A 473 -27.59 10.83 1.96
CA SER A 473 -27.44 10.77 0.51
C SER A 473 -26.89 12.06 -0.09
N ASN A 474 -27.63 13.16 0.09
CA ASN A 474 -27.20 14.43 -0.48
C ASN A 474 -25.98 15.06 0.22
N PHE A 475 -25.51 14.43 1.30
CA PHE A 475 -24.19 14.75 1.83
C PHE A 475 -23.12 14.04 0.98
N ALA A 476 -23.38 12.78 0.65
CA ALA A 476 -22.50 11.99 -0.20
C ALA A 476 -22.44 12.59 -1.60
N LYS A 477 -23.49 13.31 -1.97
CA LYS A 477 -23.59 13.96 -3.27
C LYS A 477 -22.95 15.34 -3.27
N THR A 478 -23.37 16.20 -2.35
CA THR A 478 -23.02 17.62 -2.40
C THR A 478 -21.95 18.04 -1.39
N GLY A 479 -21.82 17.30 -0.29
CA GLY A 479 -20.92 17.68 0.80
C GLY A 479 -21.66 18.43 1.89
N ASN A 480 -22.98 18.48 1.75
CA ASN A 480 -23.88 19.12 2.71
C ASN A 480 -25.20 18.35 2.73
N PRO A 481 -25.66 17.96 3.93
CA PRO A 481 -26.87 17.15 4.06
C PRO A 481 -28.18 17.91 3.81
N ASN A 482 -28.13 19.24 3.88
CA ASN A 482 -29.31 20.07 3.64
C ASN A 482 -29.67 20.09 2.16
N PRO A 483 -30.99 20.15 1.85
CA PRO A 483 -31.39 20.38 0.46
C PRO A 483 -31.30 21.87 0.09
N ASN A 484 -31.55 22.19 -1.17
CA ASN A 484 -31.46 23.57 -1.66
C ASN A 484 -32.56 24.48 -1.14
N THR A 485 -33.80 23.99 -1.21
CA THR A 485 -34.99 24.79 -0.84
C THR A 485 -35.16 24.95 0.68
N ALA A 486 -34.85 23.89 1.42
CA ALA A 486 -35.02 23.84 2.89
C ALA A 486 -36.48 24.04 3.33
N SER A 487 -37.26 22.98 3.20
CA SER A 487 -38.66 22.97 3.63
C SER A 487 -38.79 22.56 5.10
N SER A 488 -40.02 22.49 5.60
CA SER A 488 -40.28 22.14 6.99
C SER A 488 -40.09 20.66 7.31
N GLU A 489 -40.31 19.81 6.31
CA GLU A 489 -40.11 18.36 6.44
C GLU A 489 -38.63 17.97 6.52
N PHE A 490 -37.77 18.81 5.95
CA PHE A 490 -36.32 18.64 6.04
C PHE A 490 -35.69 19.86 6.73
N PRO A 491 -35.64 19.85 8.09
CA PRO A 491 -35.07 20.95 8.87
C PRO A 491 -33.62 21.26 8.53
N GLU A 492 -33.14 22.43 8.97
CA GLU A 492 -31.77 22.85 8.71
C GLU A 492 -30.79 22.13 9.63
N TRP A 493 -29.63 21.77 9.08
CA TRP A 493 -28.57 21.09 9.81
C TRP A 493 -27.32 21.98 9.76
N PRO A 494 -27.11 22.80 10.81
CA PRO A 494 -25.97 23.72 10.83
C PRO A 494 -24.63 22.99 10.91
N LYS A 495 -23.58 23.63 10.39
CA LYS A 495 -22.24 23.09 10.43
C LYS A 495 -21.70 23.03 11.86
N HIS A 496 -20.92 21.99 12.14
CA HIS A 496 -20.28 21.82 13.44
C HIS A 496 -18.97 22.60 13.42
N THR A 497 -19.03 23.87 13.79
CA THR A 497 -17.84 24.74 13.80
C THR A 497 -16.99 24.51 15.04
N ALA A 498 -15.75 25.01 14.98
CA ALA A 498 -14.79 24.83 16.07
C ALA A 498 -15.25 25.43 17.40
N HIS A 499 -15.87 26.62 17.32
CA HIS A 499 -16.35 27.31 18.52
C HIS A 499 -17.83 27.07 18.79
N GLY A 500 -18.63 26.93 17.74
CA GLY A 500 -20.05 26.66 17.85
C GLY A 500 -20.36 25.26 18.35
N ARG A 501 -19.78 24.26 17.68
CA ARG A 501 -19.95 22.85 18.02
C ARG A 501 -21.42 22.39 18.02
N HIS A 502 -22.16 22.83 16.99
CA HIS A 502 -23.58 22.52 16.87
C HIS A 502 -23.87 21.14 16.32
N TYR A 503 -24.87 20.47 16.89
CA TYR A 503 -25.36 19.19 16.38
C TYR A 503 -26.87 19.22 16.16
N LEU A 504 -27.34 18.42 15.20
CA LEU A 504 -28.76 18.28 14.95
C LEU A 504 -29.27 16.99 15.59
N GLU A 505 -30.28 17.13 16.44
CA GLU A 505 -30.94 15.97 17.05
C GLU A 505 -31.80 15.27 16.01
N LEU A 506 -31.56 13.96 15.84
CA LEU A 506 -32.32 13.16 14.88
C LEU A 506 -33.33 12.29 15.60
N GLY A 507 -34.48 12.89 15.92
CA GLY A 507 -35.59 12.17 16.56
C GLY A 507 -36.87 12.43 15.78
N LEU A 508 -37.97 11.84 16.22
CA LEU A 508 -39.23 11.90 15.49
C LEU A 508 -39.90 13.27 15.45
N ASN A 509 -40.25 13.80 16.63
CA ASN A 509 -41.00 15.06 16.71
C ASN A 509 -40.08 16.27 16.77
N THR A 510 -38.77 16.04 16.79
CA THR A 510 -37.80 17.08 17.05
C THR A 510 -37.19 17.75 15.81
N SER A 511 -36.54 18.88 16.04
CA SER A 511 -35.77 19.60 15.05
C SER A 511 -34.70 20.42 15.80
N PHE A 512 -34.51 20.04 17.06
CA PHE A 512 -33.64 20.74 18.01
C PHE A 512 -32.17 20.74 17.60
N VAL A 513 -31.50 21.87 17.83
CA VAL A 513 -30.06 22.01 17.59
C VAL A 513 -29.36 22.33 18.91
N GLY A 514 -28.41 21.49 19.29
CA GLY A 514 -27.68 21.66 20.55
C GLY A 514 -26.20 21.90 20.38
N ARG A 515 -25.49 21.94 21.50
CA ARG A 515 -24.04 22.12 21.52
C ARG A 515 -23.39 20.85 22.05
N GLY A 516 -22.49 20.26 21.26
CA GLY A 516 -21.74 19.09 21.70
C GLY A 516 -21.86 17.88 20.81
N PRO A 517 -22.55 16.82 21.29
CA PRO A 517 -23.26 16.73 22.57
C PRO A 517 -22.38 16.40 23.77
N ARG A 518 -22.93 16.57 24.97
CA ARG A 518 -22.28 16.21 26.24
C ARG A 518 -20.88 16.80 26.39
N LEU A 519 -20.79 18.14 26.38
CA LEU A 519 -19.51 18.84 26.48
C LEU A 519 -18.79 18.66 27.82
N ARG A 520 -19.54 18.77 28.93
CA ARG A 520 -18.93 18.71 30.26
C ARG A 520 -18.23 17.38 30.49
N GLN A 521 -18.85 16.31 30.01
CA GLN A 521 -18.32 14.96 30.23
C GLN A 521 -17.11 14.67 29.37
N CYS A 522 -17.09 15.21 28.15
CA CYS A 522 -15.94 15.06 27.27
C CYS A 522 -14.75 15.87 27.76
N ALA A 523 -15.05 17.01 28.38
CA ALA A 523 -14.05 17.80 29.07
C ALA A 523 -13.56 17.07 30.32
N PHE A 524 -14.41 16.21 30.88
CA PHE A 524 -14.02 15.39 32.03
C PHE A 524 -12.99 14.33 31.62
N TRP A 525 -13.26 13.64 30.52
CA TRP A 525 -12.43 12.53 30.07
C TRP A 525 -11.15 12.97 29.33
N LYS A 526 -11.25 14.06 28.57
CA LYS A 526 -10.12 14.52 27.75
C LYS A 526 -9.22 15.52 28.47
N LYS A 527 -9.80 16.33 29.36
CA LYS A 527 -9.05 17.39 30.04
C LYS A 527 -8.76 17.11 31.53
N TYR A 528 -9.83 16.96 32.32
CA TYR A 528 -9.70 16.86 33.78
C TYR A 528 -9.05 15.56 34.25
N LEU A 529 -9.68 14.42 33.95
CA LEU A 529 -9.20 13.13 34.46
C LEU A 529 -7.76 12.77 34.07
N PRO A 530 -7.34 13.04 32.81
CA PRO A 530 -5.95 12.78 32.46
C PRO A 530 -4.95 13.56 33.31
N GLN A 531 -5.25 14.82 33.59
CA GLN A 531 -4.36 15.65 34.42
C GLN A 531 -4.47 15.33 35.90
N LEU A 532 -5.60 14.73 36.31
CA LEU A 532 -5.77 14.27 37.68
C LEU A 532 -4.95 13.02 37.97
N VAL A 533 -5.02 12.03 37.07
CA VAL A 533 -4.27 10.77 37.21
C VAL A 533 -2.77 11.03 37.26
N ALA A 534 -2.33 12.06 36.53
CA ALA A 534 -0.92 12.47 36.51
C ALA A 534 -0.49 13.09 37.85
N ALA A 535 -1.37 13.86 38.48
CA ALA A 535 -1.08 14.53 39.75
C ALA A 535 -1.08 13.58 40.95
N THR A 536 -1.64 12.38 40.78
CA THR A 536 -1.81 11.43 41.88
C THR A 536 -1.04 10.11 41.70
N SER A 537 -0.36 9.96 40.57
CA SER A 537 0.40 8.75 40.21
C SER A 537 -0.50 7.51 40.01
N ASP B 1 -10.84 23.75 -21.45
CA ASP B 1 -9.62 23.96 -22.30
C ASP B 1 -9.63 23.12 -23.57
N ASN B 2 -9.41 23.79 -24.70
CA ASN B 2 -9.23 23.12 -25.98
C ASN B 2 -7.75 23.03 -26.35
N ASP B 3 -6.90 23.59 -25.47
CA ASP B 3 -5.45 23.56 -25.61
C ASP B 3 -4.91 22.18 -25.27
N PRO B 4 -4.24 21.51 -26.24
CA PRO B 4 -3.75 20.15 -26.03
C PRO B 4 -2.68 20.01 -24.94
N LEU B 5 -1.86 21.04 -24.77
CA LEU B 5 -0.72 21.00 -23.85
C LEU B 5 -1.10 21.09 -22.37
N VAL B 6 -2.31 21.53 -22.07
CA VAL B 6 -2.82 21.46 -20.70
C VAL B 6 -3.56 20.13 -20.51
N VAL B 7 -3.33 19.52 -19.35
CA VAL B 7 -3.96 18.25 -18.98
C VAL B 7 -4.50 18.37 -17.57
N ASN B 8 -5.76 17.97 -17.38
CA ASN B 8 -6.41 18.05 -16.08
C ASN B 8 -6.26 16.75 -15.28
N THR B 9 -5.17 16.66 -14.51
CA THR B 9 -4.91 15.48 -13.67
C THR B 9 -5.83 15.49 -12.45
N ASP B 10 -5.89 14.36 -11.75
CA ASP B 10 -6.78 14.18 -10.60
C ASP B 10 -6.53 15.16 -9.44
N LYS B 11 -5.34 15.77 -9.42
CA LYS B 11 -4.99 16.73 -8.36
C LYS B 11 -4.96 18.19 -8.85
N GLY B 12 -5.01 18.39 -10.16
CA GLY B 12 -5.03 19.74 -10.74
C GLY B 12 -4.69 19.76 -12.21
N ARG B 13 -4.66 20.97 -12.78
CA ARG B 13 -4.30 21.16 -14.18
C ARG B 13 -2.81 21.42 -14.33
N ILE B 14 -2.22 20.85 -15.38
CA ILE B 14 -0.80 21.02 -15.68
C ILE B 14 -0.58 21.45 -17.13
N ARG B 15 0.42 22.30 -17.36
CA ARG B 15 0.80 22.70 -18.71
C ARG B 15 2.19 22.20 -19.09
N GLY B 16 2.27 21.54 -20.24
CA GLY B 16 3.54 21.07 -20.78
C GLY B 16 4.05 21.96 -21.90
N ILE B 17 5.08 21.50 -22.60
CA ILE B 17 5.69 22.27 -23.66
C ILE B 17 6.10 21.37 -24.84
N THR B 18 6.02 21.92 -26.06
CA THR B 18 6.46 21.20 -27.26
C THR B 18 7.94 21.48 -27.52
N VAL B 19 8.72 20.39 -27.59
CA VAL B 19 10.15 20.48 -27.83
C VAL B 19 10.56 19.46 -28.89
N ASP B 20 11.64 19.76 -29.61
CA ASP B 20 12.24 18.83 -30.56
C ASP B 20 13.05 17.79 -29.82
N ALA B 21 13.08 16.57 -30.36
CA ALA B 21 14.05 15.57 -29.96
C ALA B 21 15.40 15.96 -30.57
N PRO B 22 16.50 15.31 -30.14
CA PRO B 22 17.76 15.55 -30.86
C PRO B 22 17.67 15.16 -32.34
N SER B 23 16.86 14.15 -32.63
CA SER B 23 16.63 13.67 -34.00
C SER B 23 15.92 14.69 -34.89
N GLY B 24 15.31 15.70 -34.27
CA GLY B 24 14.58 16.73 -35.01
C GLY B 24 13.07 16.60 -34.85
N LYS B 25 12.61 15.36 -34.65
CA LYS B 25 11.18 15.05 -34.49
C LYS B 25 10.60 15.71 -33.24
N LYS B 26 9.46 16.37 -33.39
CA LYS B 26 8.84 17.09 -32.28
C LYS B 26 7.97 16.21 -31.38
N VAL B 27 8.08 16.43 -30.08
CA VAL B 27 7.31 15.70 -29.06
C VAL B 27 6.71 16.66 -28.03
N ASP B 28 5.80 16.16 -27.22
CA ASP B 28 5.19 16.95 -26.15
C ASP B 28 5.62 16.43 -24.78
N VAL B 29 6.21 17.31 -23.97
CA VAL B 29 6.79 16.90 -22.70
C VAL B 29 6.10 17.55 -21.49
N TRP B 30 6.11 16.84 -20.37
CA TRP B 30 5.60 17.33 -19.09
C TRP B 30 6.63 17.01 -18.00
N LEU B 31 7.40 18.02 -17.61
CA LEU B 31 8.55 17.81 -16.72
C LEU B 31 8.28 18.25 -15.28
N GLY B 32 8.28 17.29 -14.36
CA GLY B 32 8.16 17.56 -12.94
C GLY B 32 6.75 17.69 -12.41
N ILE B 33 5.87 16.76 -12.81
CA ILE B 33 4.52 16.68 -12.26
C ILE B 33 4.60 16.10 -10.86
N PRO B 34 4.18 16.86 -9.83
CA PRO B 34 4.29 16.36 -8.45
C PRO B 34 3.29 15.24 -8.16
N TYR B 35 3.79 14.09 -7.72
CA TYR B 35 2.94 12.94 -7.46
C TYR B 35 2.80 12.62 -5.97
N ALA B 36 3.55 13.35 -5.15
CA ALA B 36 3.53 13.15 -3.70
C ALA B 36 3.87 14.42 -2.93
N GLN B 37 3.37 14.51 -1.69
CA GLN B 37 3.81 15.55 -0.75
C GLN B 37 5.31 15.45 -0.57
N PRO B 38 6.03 16.59 -0.70
CA PRO B 38 7.47 16.60 -0.44
C PRO B 38 7.79 15.99 0.93
N PRO B 39 8.57 14.88 0.93
CA PRO B 39 8.85 14.11 2.15
C PRO B 39 9.87 14.79 3.06
N VAL B 40 9.52 15.97 3.55
CA VAL B 40 10.43 16.81 4.34
C VAL B 40 9.96 16.88 5.80
N GLY B 41 10.92 17.09 6.70
CA GLY B 41 10.64 17.28 8.13
C GLY B 41 10.12 16.02 8.80
N PRO B 42 8.86 16.07 9.28
CA PRO B 42 8.23 14.92 9.95
C PRO B 42 8.02 13.72 9.03
N LEU B 43 8.01 13.97 7.72
CA LEU B 43 7.71 12.94 6.73
C LEU B 43 8.92 12.13 6.25
N ARG B 44 10.11 12.53 6.69
CA ARG B 44 11.35 11.88 6.26
C ARG B 44 11.46 10.43 6.75
N PHE B 45 12.01 9.58 5.87
CA PHE B 45 12.16 8.13 6.07
C PHE B 45 10.85 7.36 5.89
N ARG B 46 9.73 8.08 6.03
CA ARG B 46 8.39 7.49 5.96
C ARG B 46 7.87 7.42 4.54
N HIS B 47 6.83 6.61 4.35
CA HIS B 47 6.18 6.40 3.05
C HIS B 47 5.55 7.69 2.53
N PRO B 48 5.40 7.80 1.21
CA PRO B 48 4.89 9.05 0.64
C PRO B 48 3.39 9.25 0.83
N ARG B 49 2.97 10.51 0.91
CA ARG B 49 1.56 10.86 0.90
C ARG B 49 1.22 11.38 -0.49
N PRO B 50 -0.02 11.14 -0.96
CA PRO B 50 -0.39 11.68 -2.26
C PRO B 50 -0.26 13.21 -2.29
N ALA B 51 -0.02 13.76 -3.46
CA ALA B 51 0.17 15.20 -3.63
C ALA B 51 -1.10 15.98 -3.26
N GLU B 52 -0.93 17.14 -2.64
CA GLU B 52 -2.05 18.03 -2.35
C GLU B 52 -2.59 18.63 -3.65
N LYS B 53 -3.91 18.70 -3.77
CA LYS B 53 -4.52 19.26 -4.98
C LYS B 53 -4.24 20.76 -5.09
N TRP B 54 -3.94 21.21 -6.31
CA TRP B 54 -3.54 22.61 -6.54
C TRP B 54 -4.56 23.41 -7.34
N THR B 55 -4.71 24.67 -6.95
CA THR B 55 -5.61 25.61 -7.61
C THR B 55 -4.91 26.30 -8.78
N GLY B 56 -5.57 26.29 -9.94
CA GLY B 56 -5.03 26.94 -11.14
C GLY B 56 -4.33 25.97 -12.08
N VAL B 57 -3.50 26.52 -12.96
CA VAL B 57 -2.71 25.72 -13.90
C VAL B 57 -1.23 25.77 -13.53
N LEU B 58 -0.65 24.60 -13.30
CA LEU B 58 0.76 24.48 -12.98
C LEU B 58 1.57 24.17 -14.23
N ASN B 59 2.60 24.99 -14.48
CA ASN B 59 3.52 24.73 -15.58
C ASN B 59 4.49 23.61 -15.24
N THR B 60 4.14 22.39 -15.64
CA THR B 60 5.04 21.26 -15.46
C THR B 60 5.98 21.22 -16.67
N THR B 61 7.01 22.05 -16.62
CA THR B 61 7.76 22.44 -17.80
C THR B 61 9.30 22.51 -17.61
N THR B 62 9.76 22.18 -16.41
CA THR B 62 11.18 22.29 -16.06
C THR B 62 11.65 20.98 -15.42
N PRO B 63 12.82 20.44 -15.84
CA PRO B 63 13.32 19.19 -15.28
C PRO B 63 13.44 19.25 -13.75
N PRO B 64 12.76 18.32 -13.05
CA PRO B 64 12.59 18.38 -11.59
C PRO B 64 13.88 18.17 -10.83
N ASN B 65 13.86 18.50 -9.53
CA ASN B 65 14.98 18.22 -8.64
C ASN B 65 15.28 16.73 -8.57
N SER B 66 16.56 16.40 -8.43
CA SER B 66 16.96 15.03 -8.14
C SER B 66 17.12 14.89 -6.63
N CYS B 67 16.88 13.69 -6.12
CA CYS B 67 16.91 13.45 -4.67
C CYS B 67 18.33 13.51 -4.11
N VAL B 68 18.42 13.77 -2.80
CA VAL B 68 19.71 13.94 -2.14
C VAL B 68 20.55 12.66 -2.18
N GLN B 69 21.77 12.80 -2.68
CA GLN B 69 22.71 11.68 -2.86
C GLN B 69 24.14 12.19 -2.91
N ILE B 70 25.10 11.27 -2.85
CA ILE B 70 26.52 11.60 -3.02
C ILE B 70 26.83 11.93 -4.48
N VAL B 71 27.88 12.71 -4.70
CA VAL B 71 28.38 12.97 -6.05
C VAL B 71 29.69 12.23 -6.30
N ASP B 72 29.82 11.64 -7.49
CA ASP B 72 30.97 10.83 -7.84
C ASP B 72 32.16 11.72 -8.22
N THR B 73 33.06 11.91 -7.27
CA THR B 73 34.22 12.80 -7.47
C THR B 73 35.56 12.05 -7.38
N VAL B 74 35.51 10.73 -7.48
CA VAL B 74 36.73 9.90 -7.36
C VAL B 74 37.57 9.89 -8.65
N PHE B 75 36.93 10.11 -9.80
CA PHE B 75 37.65 10.23 -11.06
C PHE B 75 37.58 11.65 -11.61
N GLY B 76 37.18 12.58 -10.76
CA GLY B 76 37.09 14.00 -11.11
C GLY B 76 36.01 14.28 -12.12
N ASP B 77 36.36 15.04 -13.15
CA ASP B 77 35.43 15.41 -14.21
C ASP B 77 35.48 14.45 -15.41
N PHE B 78 35.88 13.21 -15.14
CA PHE B 78 35.91 12.16 -16.15
C PHE B 78 34.49 11.89 -16.67
N PRO B 79 34.27 12.09 -17.99
CA PRO B 79 32.95 12.00 -18.63
C PRO B 79 32.24 10.67 -18.44
N GLY B 80 32.99 9.61 -18.15
CA GLY B 80 32.41 8.29 -17.90
C GLY B 80 31.86 8.15 -16.50
N ALA B 81 32.34 8.97 -15.58
CA ALA B 81 31.90 8.96 -14.19
C ALA B 81 30.81 10.00 -13.91
N THR B 82 30.87 11.12 -14.64
CA THR B 82 29.96 12.25 -14.40
C THR B 82 28.61 12.13 -15.12
N MET B 83 28.52 11.25 -16.11
CA MET B 83 27.26 11.02 -16.82
C MET B 83 26.19 10.41 -15.92
N TRP B 84 26.63 9.76 -14.84
CA TRP B 84 25.75 9.16 -13.85
C TRP B 84 25.45 10.10 -12.68
N ASN B 85 26.26 11.16 -12.56
CA ASN B 85 26.04 12.20 -11.56
C ASN B 85 24.81 13.06 -11.87
N PRO B 86 24.00 13.38 -10.83
CA PRO B 86 22.79 14.18 -10.99
C PRO B 86 23.06 15.51 -11.69
N ASN B 87 22.21 15.84 -12.65
CA ASN B 87 22.38 17.05 -13.49
C ASN B 87 21.35 18.15 -13.21
N THR B 88 20.63 18.00 -12.11
CA THR B 88 19.69 19.01 -11.64
C THR B 88 20.01 19.30 -10.18
N PRO B 89 19.44 20.38 -9.59
CA PRO B 89 19.73 20.63 -8.18
C PRO B 89 19.22 19.51 -7.27
N LEU B 90 19.94 19.28 -6.18
CA LEU B 90 19.59 18.23 -5.22
C LEU B 90 18.68 18.77 -4.12
N SER B 91 17.58 18.06 -3.88
CA SER B 91 16.60 18.43 -2.85
C SER B 91 15.86 17.21 -2.35
N GLU B 92 15.38 17.28 -1.11
CA GLU B 92 14.49 16.26 -0.55
C GLU B 92 13.15 16.30 -1.28
N ASP B 93 12.75 17.51 -1.67
CA ASP B 93 11.57 17.74 -2.49
C ASP B 93 11.92 17.33 -3.92
N CYS B 94 11.70 16.04 -4.22
CA CYS B 94 12.18 15.46 -5.47
C CYS B 94 11.23 14.45 -6.09
N LEU B 95 10.11 14.20 -5.42
CA LEU B 95 9.13 13.21 -5.89
C LEU B 95 8.26 13.78 -7.02
N TYR B 96 8.76 13.63 -8.24
CA TYR B 96 8.11 14.18 -9.44
C TYR B 96 8.16 13.19 -10.59
N ILE B 97 7.17 13.29 -11.49
CA ILE B 97 7.13 12.42 -12.66
C ILE B 97 7.35 13.25 -13.92
N ASN B 98 7.89 12.60 -14.95
CA ASN B 98 8.01 13.18 -16.27
C ASN B 98 7.24 12.35 -17.30
N VAL B 99 6.46 13.02 -18.14
CA VAL B 99 5.73 12.35 -19.21
C VAL B 99 6.14 12.94 -20.55
N VAL B 100 6.46 12.07 -21.51
CA VAL B 100 6.78 12.49 -22.86
C VAL B 100 5.91 11.72 -23.87
N ALA B 101 5.06 12.46 -24.57
CA ALA B 101 4.17 11.88 -25.58
C ALA B 101 4.70 12.20 -26.98
N PRO B 102 4.47 11.30 -27.95
CA PRO B 102 4.87 11.60 -29.32
C PRO B 102 3.87 12.51 -30.02
N ARG B 103 4.33 13.22 -31.05
CA ARG B 103 3.46 14.01 -31.92
C ARG B 103 3.54 13.40 -33.33
N PRO B 104 2.37 13.06 -33.94
CA PRO B 104 0.99 13.23 -33.46
C PRO B 104 0.66 12.43 -32.20
N ARG B 105 -0.11 13.03 -31.31
CA ARG B 105 -0.47 12.39 -30.04
C ARG B 105 -1.46 11.25 -30.26
N PRO B 106 -1.12 10.05 -29.75
CA PRO B 106 -2.03 8.90 -29.85
C PRO B 106 -3.20 9.00 -28.88
N LYS B 107 -4.31 8.37 -29.24
CA LYS B 107 -5.52 8.34 -28.42
C LYS B 107 -5.34 7.37 -27.26
N ASN B 108 -4.67 6.26 -27.54
CA ASN B 108 -4.45 5.19 -26.57
C ASN B 108 -3.31 4.30 -27.06
N ALA B 109 -2.15 4.41 -26.41
CA ALA B 109 -0.96 3.67 -26.83
C ALA B 109 -0.21 3.06 -25.66
N ALA B 110 0.87 2.34 -25.96
CA ALA B 110 1.71 1.71 -24.95
C ALA B 110 2.43 2.74 -24.08
N VAL B 111 2.67 2.38 -22.82
CA VAL B 111 3.38 3.25 -21.88
C VAL B 111 4.64 2.55 -21.38
N MET B 112 5.81 3.13 -21.70
CA MET B 112 7.08 2.61 -21.22
C MET B 112 7.58 3.45 -20.05
N LEU B 113 7.54 2.85 -18.86
CA LEU B 113 7.89 3.54 -17.62
C LEU B 113 9.32 3.17 -17.19
N TRP B 114 10.18 4.18 -17.11
CA TRP B 114 11.59 3.98 -16.78
C TRP B 114 11.89 4.23 -15.30
N ILE B 115 12.21 3.15 -14.58
CA ILE B 115 12.72 3.27 -13.22
C ILE B 115 14.24 3.23 -13.29
N PHE B 116 14.89 4.34 -12.97
CA PHE B 116 16.35 4.43 -12.99
C PHE B 116 17.00 3.60 -11.88
N GLY B 117 18.27 3.29 -12.06
CA GLY B 117 19.01 2.54 -11.06
C GLY B 117 20.33 3.20 -10.69
N GLY B 118 20.72 3.08 -9.44
CA GLY B 118 22.01 3.59 -8.98
C GLY B 118 22.49 2.88 -7.73
N GLY B 119 22.18 1.59 -7.62
CA GLY B 119 22.50 0.79 -6.45
C GLY B 119 21.74 1.22 -5.21
N PHE B 120 20.53 1.75 -5.43
CA PHE B 120 19.67 2.29 -4.37
C PHE B 120 20.36 3.34 -3.49
N TYR B 121 21.39 3.99 -4.02
CA TYR B 121 22.08 5.06 -3.31
C TYR B 121 22.22 6.35 -4.14
N SER B 122 22.03 6.23 -5.45
CA SER B 122 22.20 7.37 -6.37
C SER B 122 21.31 7.25 -7.60
N GLY B 123 21.28 8.32 -8.40
CA GLY B 123 20.57 8.35 -9.66
C GLY B 123 19.47 9.39 -9.75
N THR B 124 19.06 9.68 -10.97
CA THR B 124 17.99 10.63 -11.26
C THR B 124 17.37 10.35 -12.61
N ALA B 125 16.08 10.64 -12.75
CA ALA B 125 15.37 10.46 -14.01
C ALA B 125 15.81 11.49 -15.06
N THR B 126 16.50 12.53 -14.60
CA THR B 126 16.84 13.68 -15.43
C THR B 126 18.16 13.56 -16.19
N LEU B 127 18.85 12.43 -16.06
CA LEU B 127 20.14 12.22 -16.73
C LEU B 127 20.01 12.38 -18.24
N ASP B 128 21.03 12.97 -18.85
CA ASP B 128 21.08 13.19 -20.30
C ASP B 128 21.03 11.88 -21.10
N VAL B 129 21.54 10.80 -20.50
CA VAL B 129 21.55 9.47 -21.13
C VAL B 129 20.15 8.88 -21.29
N TYR B 130 19.26 9.16 -20.33
CA TYR B 130 17.88 8.71 -20.39
C TYR B 130 17.07 9.64 -21.30
N ASP B 131 17.35 9.56 -22.60
CA ASP B 131 16.71 10.44 -23.58
C ASP B 131 15.29 9.97 -23.89
N HIS B 132 14.32 10.63 -23.27
CA HIS B 132 12.91 10.30 -23.42
C HIS B 132 12.41 10.64 -24.81
N ARG B 133 12.84 11.78 -25.32
CA ARG B 133 12.36 12.34 -26.59
C ARG B 133 12.66 11.44 -27.79
N ALA B 134 13.83 10.80 -27.78
CA ALA B 134 14.23 9.93 -28.88
C ALA B 134 13.46 8.62 -28.92
N LEU B 135 13.21 8.04 -27.74
CA LEU B 135 12.44 6.80 -27.62
C LEU B 135 10.96 6.99 -27.96
N ALA B 136 10.38 8.08 -27.45
CA ALA B 136 8.96 8.40 -27.67
C ALA B 136 8.66 8.70 -29.13
N SER B 137 9.53 9.48 -29.77
CA SER B 137 9.34 9.91 -31.16
C SER B 137 9.52 8.77 -32.15
N GLU B 138 10.51 7.94 -31.91
CA GLU B 138 10.93 6.91 -32.88
C GLU B 138 10.12 5.62 -32.79
N GLU B 139 9.35 5.46 -31.72
CA GLU B 139 8.65 4.21 -31.47
C GLU B 139 7.15 4.38 -31.19
N ASN B 140 6.70 5.63 -31.13
CA ASN B 140 5.30 5.97 -30.82
C ASN B 140 4.81 5.37 -29.49
N VAL B 141 5.55 5.68 -28.42
CA VAL B 141 5.24 5.20 -27.09
C VAL B 141 5.26 6.37 -26.11
N ILE B 142 4.32 6.38 -25.17
CA ILE B 142 4.36 7.34 -24.07
C ILE B 142 5.45 6.90 -23.11
N VAL B 143 6.55 7.66 -23.08
CA VAL B 143 7.67 7.38 -22.18
C VAL B 143 7.50 8.15 -20.87
N VAL B 144 7.52 7.40 -19.77
CA VAL B 144 7.33 7.98 -18.44
C VAL B 144 8.52 7.63 -17.56
N SER B 145 8.97 8.59 -16.75
CA SER B 145 10.01 8.35 -15.77
C SER B 145 9.63 8.97 -14.42
N LEU B 146 10.15 8.38 -13.36
CA LEU B 146 9.85 8.86 -12.02
C LEU B 146 11.12 9.06 -11.21
N GLN B 147 11.00 9.92 -10.20
CA GLN B 147 12.05 10.10 -9.21
C GLN B 147 11.60 9.42 -7.93
N TYR B 148 12.43 8.55 -7.39
CA TYR B 148 12.16 7.92 -6.09
C TYR B 148 13.29 8.23 -5.12
N ARG B 149 12.95 8.35 -3.84
CA ARG B 149 13.94 8.60 -2.80
C ARG B 149 14.98 7.49 -2.78
N VAL B 150 16.23 7.89 -2.56
CA VAL B 150 17.36 7.00 -2.71
C VAL B 150 18.24 7.07 -1.46
N ALA B 151 19.13 6.09 -1.29
CA ALA B 151 20.01 5.98 -0.12
C ALA B 151 19.25 5.85 1.21
N SER B 152 19.83 6.35 2.31
CA SER B 152 19.22 6.26 3.63
C SER B 152 17.90 7.03 3.68
N LEU B 153 17.82 8.12 2.92
CA LEU B 153 16.62 8.93 2.83
C LEU B 153 15.45 8.16 2.21
N GLY B 154 15.77 7.10 1.49
CA GLY B 154 14.76 6.28 0.81
C GLY B 154 14.65 4.85 1.32
N PHE B 155 15.61 4.41 2.12
CA PHE B 155 15.64 3.00 2.54
C PHE B 155 16.13 2.75 3.97
N LEU B 156 16.05 3.76 4.83
CA LEU B 156 16.41 3.58 6.24
C LEU B 156 15.40 2.66 6.90
N PHE B 157 15.91 1.66 7.61
CA PHE B 157 15.06 0.73 8.35
C PHE B 157 15.51 0.61 9.81
N LEU B 158 14.56 0.69 10.73
CA LEU B 158 14.85 0.53 12.15
C LEU B 158 13.86 -0.38 12.89
N GLY B 159 12.90 -0.95 12.15
CA GLY B 159 11.88 -1.80 12.74
C GLY B 159 10.67 -1.05 13.23
N THR B 160 10.89 0.22 13.61
CA THR B 160 9.82 1.12 14.06
C THR B 160 8.98 1.63 12.89
N PRO B 161 7.80 2.22 13.16
CA PRO B 161 6.98 2.73 12.07
C PRO B 161 7.43 4.10 11.56
N GLU B 162 8.22 4.82 12.37
CA GLU B 162 8.76 6.12 11.98
C GLU B 162 9.95 5.96 11.03
N ALA B 163 10.45 4.72 10.93
CA ALA B 163 11.42 4.31 9.91
C ALA B 163 11.14 2.85 9.52
N PRO B 164 10.12 2.63 8.67
CA PRO B 164 9.66 1.28 8.35
C PRO B 164 10.34 0.64 7.14
N GLY B 165 11.24 1.40 6.49
CA GLY B 165 11.97 0.91 5.33
C GLY B 165 11.17 0.95 4.03
N ASN B 166 11.88 0.78 2.92
CA ASN B 166 11.28 0.72 1.58
C ASN B 166 10.53 1.96 1.12
N ALA B 167 10.83 3.11 1.74
CA ALA B 167 10.23 4.38 1.35
C ALA B 167 10.34 4.62 -0.16
N GLY B 168 11.55 4.42 -0.70
CA GLY B 168 11.81 4.58 -2.13
C GLY B 168 10.94 3.69 -3.01
N LEU B 169 10.63 2.49 -2.52
CA LEU B 169 9.77 1.55 -3.24
C LEU B 169 8.31 1.99 -3.23
N PHE B 170 7.86 2.52 -2.10
CA PHE B 170 6.52 3.06 -1.98
C PHE B 170 6.38 4.36 -2.77
N ASP B 171 7.50 5.07 -2.95
CA ASP B 171 7.56 6.22 -3.84
C ASP B 171 7.27 5.75 -5.27
N GLN B 172 7.94 4.68 -5.70
CA GLN B 172 7.73 4.10 -7.02
C GLN B 172 6.30 3.63 -7.17
N ASN B 173 5.81 2.93 -6.14
CA ASN B 173 4.46 2.39 -6.12
C ASN B 173 3.39 3.46 -6.30
N LEU B 174 3.51 4.53 -5.50
CA LEU B 174 2.60 5.67 -5.59
C LEU B 174 2.63 6.28 -6.98
N ALA B 175 3.83 6.39 -7.55
CA ALA B 175 4.01 6.91 -8.90
C ALA B 175 3.36 6.03 -9.96
N LEU B 176 3.33 4.72 -9.72
CA LEU B 176 2.65 3.79 -10.61
C LEU B 176 1.14 3.99 -10.55
N ARG B 177 0.62 4.20 -9.35
CA ARG B 177 -0.80 4.48 -9.16
C ARG B 177 -1.22 5.79 -9.82
N TRP B 178 -0.31 6.76 -9.84
CA TRP B 178 -0.54 8.01 -10.55
C TRP B 178 -0.70 7.73 -12.05
N VAL B 179 0.22 6.95 -12.60
CA VAL B 179 0.20 6.60 -14.03
C VAL B 179 -1.11 5.88 -14.39
N ARG B 180 -1.53 4.97 -13.52
CA ARG B 180 -2.81 4.26 -13.66
C ARG B 180 -3.98 5.25 -13.79
N ASP B 181 -3.99 6.26 -12.92
CA ASP B 181 -5.10 7.20 -12.81
C ASP B 181 -5.08 8.34 -13.83
N ASN B 182 -3.93 8.55 -14.49
CA ASN B 182 -3.74 9.77 -15.28
C ASN B 182 -3.20 9.62 -16.70
N ILE B 183 -2.57 8.49 -16.99
CA ILE B 183 -1.84 8.33 -18.26
C ILE B 183 -2.70 8.35 -19.53
N HIS B 184 -4.00 8.11 -19.37
CA HIS B 184 -4.93 8.16 -20.51
C HIS B 184 -5.09 9.57 -21.06
N ARG B 185 -5.01 10.56 -20.18
CA ARG B 185 -5.13 11.97 -20.56
C ARG B 185 -3.94 12.44 -21.40
N PHE B 186 -2.82 11.74 -21.28
CA PHE B 186 -1.62 12.00 -22.09
C PHE B 186 -1.60 11.12 -23.33
N GLY B 187 -2.59 10.23 -23.45
CA GLY B 187 -2.72 9.37 -24.61
C GLY B 187 -2.14 7.98 -24.43
N GLY B 188 -2.04 7.53 -23.18
CA GLY B 188 -1.54 6.21 -22.86
C GLY B 188 -2.64 5.22 -22.50
N ASP B 189 -2.28 3.95 -22.38
CA ASP B 189 -3.21 2.91 -21.98
C ASP B 189 -2.85 2.41 -20.58
N PRO B 190 -3.68 2.74 -19.58
CA PRO B 190 -3.42 2.36 -18.18
C PRO B 190 -3.31 0.85 -17.95
N SER B 191 -3.63 0.06 -18.99
CA SER B 191 -3.53 -1.40 -18.91
C SER B 191 -2.32 -1.94 -19.68
N ARG B 192 -1.65 -1.07 -20.43
CA ARG B 192 -0.47 -1.46 -21.21
C ARG B 192 0.82 -0.76 -20.73
N VAL B 193 0.97 -0.66 -19.42
CA VAL B 193 2.16 -0.06 -18.82
C VAL B 193 3.27 -1.11 -18.69
N THR B 194 4.39 -0.86 -19.37
CA THR B 194 5.56 -1.72 -19.30
C THR B 194 6.67 -1.06 -18.47
N LEU B 195 7.00 -1.69 -17.34
CA LEU B 195 8.08 -1.20 -16.50
C LEU B 195 9.42 -1.65 -17.05
N PHE B 196 10.36 -0.72 -17.18
CA PHE B 196 11.72 -1.08 -17.58
C PHE B 196 12.78 -0.29 -16.83
N GLY B 197 13.80 -0.99 -16.37
CA GLY B 197 14.87 -0.42 -15.57
C GLY B 197 16.20 -1.13 -15.72
N GLU B 198 17.26 -0.48 -15.26
CA GLU B 198 18.61 -1.03 -15.32
C GLU B 198 19.22 -1.08 -13.93
N SER B 199 19.94 -2.18 -13.64
CA SER B 199 20.58 -2.41 -12.34
C SER B 199 19.56 -2.37 -11.19
N ALA B 200 19.70 -1.41 -10.29
CA ALA B 200 18.76 -1.23 -9.17
C ALA B 200 17.36 -0.89 -9.68
N GLY B 201 17.29 -0.31 -10.87
CA GLY B 201 16.03 -0.07 -11.56
C GLY B 201 15.38 -1.38 -11.97
N ALA B 202 16.19 -2.30 -12.49
CA ALA B 202 15.71 -3.63 -12.85
C ALA B 202 15.32 -4.42 -11.61
N VAL B 203 16.08 -4.26 -10.53
CA VAL B 203 15.75 -4.86 -9.24
C VAL B 203 14.39 -4.35 -8.77
N SER B 204 14.17 -3.05 -8.92
CA SER B 204 12.88 -2.43 -8.59
C SER B 204 11.76 -3.01 -9.45
N VAL B 205 11.97 -3.01 -10.77
CA VAL B 205 11.01 -3.58 -11.73
C VAL B 205 10.63 -5.01 -11.34
N SER B 206 11.62 -5.80 -10.93
CA SER B 206 11.39 -7.18 -10.51
C SER B 206 10.64 -7.27 -9.19
N LEU B 207 10.93 -6.33 -8.28
CA LEU B 207 10.24 -6.29 -6.99
C LEU B 207 8.76 -5.91 -7.12
N HIS B 208 8.42 -5.19 -8.20
CA HIS B 208 7.02 -4.87 -8.50
C HIS B 208 6.27 -6.08 -9.05
N LEU B 209 6.98 -6.96 -9.75
CA LEU B 209 6.43 -8.22 -10.20
C LEU B 209 6.14 -9.13 -9.00
N LEU B 210 6.92 -8.97 -7.95
CA LEU B 210 6.73 -9.75 -6.73
C LEU B 210 5.69 -9.14 -5.81
N SER B 211 5.75 -7.82 -5.64
CA SER B 211 4.95 -7.13 -4.61
C SER B 211 3.45 -7.34 -4.71
N ALA B 212 2.85 -7.47 -3.53
CA ALA B 212 1.41 -7.57 -3.37
C ALA B 212 0.71 -6.26 -3.74
N LEU B 213 1.36 -5.14 -3.42
CA LEU B 213 0.74 -3.82 -3.56
C LEU B 213 0.74 -3.29 -4.99
N SER B 214 1.89 -3.33 -5.66
CA SER B 214 2.00 -2.81 -7.02
C SER B 214 1.75 -3.89 -8.08
N ARG B 215 0.99 -4.92 -7.70
CA ARG B 215 0.71 -6.05 -8.57
C ARG B 215 -0.14 -5.69 -9.79
N ASP B 216 -1.33 -5.13 -9.55
CA ASP B 216 -2.26 -4.80 -10.63
C ASP B 216 -2.05 -3.40 -11.23
N LEU B 217 -0.83 -2.89 -11.11
CA LEU B 217 -0.52 -1.52 -11.55
C LEU B 217 0.19 -1.42 -12.90
N PHE B 218 0.68 -2.55 -13.42
CA PHE B 218 1.37 -2.58 -14.70
C PHE B 218 1.12 -3.89 -15.46
N GLN B 219 1.44 -3.90 -16.74
CA GLN B 219 1.26 -5.09 -17.56
C GLN B 219 2.54 -5.94 -17.65
N ARG B 220 3.59 -5.38 -18.25
CA ARG B 220 4.83 -6.12 -18.56
C ARG B 220 6.07 -5.53 -17.90
N ALA B 221 7.20 -6.21 -18.07
CA ALA B 221 8.47 -5.80 -17.47
C ALA B 221 9.68 -6.11 -18.36
N ILE B 222 10.57 -5.12 -18.48
CA ILE B 222 11.90 -5.31 -19.08
C ILE B 222 12.94 -5.06 -18.00
N LEU B 223 13.85 -6.01 -17.82
CA LEU B 223 14.82 -5.96 -16.72
C LEU B 223 16.26 -6.04 -17.21
N GLN B 224 16.92 -4.89 -17.25
CA GLN B 224 18.30 -4.82 -17.74
C GLN B 224 19.30 -4.97 -16.58
N SER B 225 20.08 -6.07 -16.63
CA SER B 225 21.16 -6.33 -15.69
C SER B 225 20.74 -6.23 -14.21
N GLY B 226 19.71 -6.98 -13.83
CA GLY B 226 19.24 -6.97 -12.46
C GLY B 226 18.09 -7.94 -12.19
N SER B 227 18.06 -8.47 -10.97
CA SER B 227 17.00 -9.37 -10.52
C SER B 227 16.91 -9.33 -8.99
N PRO B 228 15.75 -9.69 -8.42
CA PRO B 228 15.53 -9.50 -6.99
C PRO B 228 16.31 -10.51 -6.13
N THR B 229 16.86 -11.53 -6.77
CA THR B 229 17.60 -12.58 -6.07
C THR B 229 19.09 -12.25 -5.95
N ALA B 230 19.49 -11.12 -6.52
CA ALA B 230 20.88 -10.63 -6.44
C ALA B 230 21.32 -10.35 -4.99
N PRO B 231 22.61 -10.61 -4.66
CA PRO B 231 23.11 -10.46 -3.29
C PRO B 231 22.92 -9.06 -2.71
N TRP B 232 23.10 -8.03 -3.54
CA TRP B 232 23.06 -6.64 -3.10
C TRP B 232 21.65 -6.06 -3.05
N ALA B 233 20.69 -6.75 -3.65
CA ALA B 233 19.31 -6.27 -3.77
C ALA B 233 18.62 -6.03 -2.42
N LEU B 234 18.81 -6.95 -1.48
CA LEU B 234 18.18 -6.84 -0.16
C LEU B 234 19.15 -7.09 0.97
N VAL B 235 18.80 -6.58 2.15
CA VAL B 235 19.53 -6.88 3.38
C VAL B 235 18.58 -7.43 4.43
N SER B 236 19.11 -8.23 5.36
CA SER B 236 18.34 -8.70 6.50
C SER B 236 17.97 -7.50 7.36
N ARG B 237 16.73 -7.49 7.85
CA ARG B 237 16.24 -6.40 8.69
C ARG B 237 16.98 -6.34 10.03
N GLU B 238 17.62 -7.45 10.39
CA GLU B 238 18.52 -7.49 11.54
C GLU B 238 19.78 -6.67 11.26
N GLU B 239 20.25 -6.72 10.01
CA GLU B 239 21.40 -5.94 9.57
C GLU B 239 20.99 -4.49 9.30
N ALA B 240 19.88 -4.30 8.59
CA ALA B 240 19.37 -2.98 8.23
C ALA B 240 19.22 -2.06 9.44
N THR B 241 18.82 -2.63 10.57
CA THR B 241 18.69 -1.90 11.83
C THR B 241 20.06 -1.49 12.38
N LEU B 242 21.06 -2.33 12.15
CA LEU B 242 22.43 -2.06 12.58
C LEU B 242 23.08 -0.98 11.71
N ARG B 243 22.90 -1.10 10.40
CA ARG B 243 23.41 -0.10 9.44
C ARG B 243 22.86 1.28 9.78
N ALA B 244 21.59 1.32 10.19
CA ALA B 244 20.91 2.55 10.57
C ALA B 244 21.46 3.15 11.86
N LEU B 245 21.64 2.29 12.87
CA LEU B 245 22.20 2.71 14.16
C LEU B 245 23.68 3.10 14.04
N ARG B 246 24.39 2.45 13.12
CA ARG B 246 25.78 2.80 12.86
C ARG B 246 25.87 4.15 12.15
N LEU B 247 24.86 4.46 11.34
CA LEU B 247 24.73 5.77 10.69
C LEU B 247 24.33 6.85 11.70
N ALA B 248 23.46 6.49 12.63
CA ALA B 248 23.07 7.38 13.72
C ALA B 248 24.29 7.79 14.52
N GLU B 249 25.10 6.79 14.90
CA GLU B 249 26.35 7.02 15.63
C GLU B 249 27.34 7.87 14.82
N ALA B 250 27.45 7.57 13.52
CA ALA B 250 28.39 8.26 12.63
C ALA B 250 28.07 9.75 12.46
N VAL B 251 26.79 10.10 12.49
CA VAL B 251 26.36 11.49 12.34
C VAL B 251 26.17 12.18 13.71
N GLY B 252 26.38 11.42 14.78
CA GLY B 252 26.34 11.94 16.15
C GLY B 252 24.99 11.92 16.83
N CYS B 253 24.19 10.90 16.54
CA CYS B 253 22.86 10.73 17.12
C CYS B 253 22.81 9.53 18.06
N PRO B 254 21.86 9.54 19.03
CA PRO B 254 21.62 8.38 19.89
C PRO B 254 21.47 7.10 19.07
N HIS B 255 22.23 6.07 19.44
CA HIS B 255 22.25 4.82 18.68
C HIS B 255 22.02 3.59 19.55
N GLU B 256 21.19 3.73 20.58
CA GLU B 256 20.86 2.63 21.48
C GLU B 256 19.66 1.85 20.94
N PRO B 257 19.80 0.52 20.80
CA PRO B 257 18.76 -0.36 20.23
C PRO B 257 17.41 -0.33 20.97
N SER B 258 17.39 0.22 22.19
CA SER B 258 16.16 0.35 22.98
C SER B 258 15.36 1.59 22.59
N LYS B 259 16.05 2.73 22.56
CA LYS B 259 15.44 4.02 22.25
C LYS B 259 15.60 4.37 20.78
N LEU B 260 14.94 3.59 19.93
CA LEU B 260 14.96 3.81 18.48
C LEU B 260 14.22 5.08 18.08
N SER B 261 13.31 5.51 18.94
CA SER B 261 12.59 6.77 18.77
C SER B 261 13.51 7.98 18.91
N ASP B 262 14.51 7.85 19.77
CA ASP B 262 15.54 8.89 19.94
C ASP B 262 16.43 9.01 18.69
N ALA B 263 16.60 7.89 18.00
CA ALA B 263 17.44 7.83 16.81
C ALA B 263 16.81 8.53 15.60
N VAL B 264 15.58 8.13 15.26
CA VAL B 264 14.87 8.71 14.10
C VAL B 264 14.62 10.20 14.24
N GLU B 265 14.30 10.64 15.46
CA GLU B 265 14.05 12.06 15.75
C GLU B 265 15.29 12.90 15.51
N CYS B 266 16.43 12.43 16.02
CA CYS B 266 17.71 13.10 15.82
C CYS B 266 18.08 13.10 14.33
N LEU B 267 17.88 11.96 13.67
CA LEU B 267 18.18 11.81 12.25
C LEU B 267 17.34 12.73 11.38
N ARG B 268 16.07 12.93 11.77
CA ARG B 268 15.17 13.86 11.09
C ARG B 268 15.67 15.30 11.19
N GLY B 269 16.49 15.57 12.21
CA GLY B 269 17.01 16.91 12.45
C GLY B 269 18.22 17.29 11.63
N LYS B 270 19.02 16.29 11.25
CA LYS B 270 20.27 16.52 10.52
C LYS B 270 20.05 16.97 9.07
N ASP B 271 21.09 17.56 8.48
CA ASP B 271 21.08 17.95 7.07
C ASP B 271 21.07 16.70 6.19
N PRO B 272 20.28 16.71 5.10
CA PRO B 272 20.20 15.52 4.25
C PRO B 272 21.54 15.12 3.62
N HIS B 273 22.36 16.11 3.28
CA HIS B 273 23.65 15.87 2.63
C HIS B 273 24.67 15.20 3.54
N VAL B 274 24.72 15.63 4.80
CA VAL B 274 25.62 14.99 5.77
C VAL B 274 25.13 13.57 6.08
N LEU B 275 23.83 13.36 5.96
CA LEU B 275 23.22 12.06 6.21
C LEU B 275 23.62 11.04 5.14
N VAL B 276 23.56 11.45 3.88
CA VAL B 276 23.89 10.56 2.76
C VAL B 276 25.39 10.34 2.58
N ASN B 277 26.19 11.22 3.20
CA ASN B 277 27.65 11.18 3.07
C ASN B 277 28.37 10.32 4.11
N ASN B 278 27.63 9.86 5.12
CA ASN B 278 28.21 9.06 6.21
C ASN B 278 27.70 7.62 6.24
N GLU B 279 27.14 7.16 5.13
CA GLU B 279 26.58 5.80 5.03
C GLU B 279 27.64 4.74 4.77
N TRP B 280 28.73 5.15 4.11
CA TRP B 280 29.75 4.23 3.65
C TRP B 280 30.83 4.01 4.71
N GLY B 281 31.23 2.75 4.87
CA GLY B 281 32.28 2.37 5.82
C GLY B 281 32.94 1.08 5.40
N THR B 282 32.80 0.05 6.23
CA THR B 282 33.31 -1.29 5.90
C THR B 282 32.27 -2.06 5.10
N LEU B 283 32.34 -1.92 3.78
CA LEU B 283 31.46 -2.63 2.86
C LEU B 283 32.29 -3.29 1.76
N GLY B 284 32.00 -4.56 1.49
CA GLY B 284 32.68 -5.31 0.42
C GLY B 284 32.29 -4.82 -0.95
N ILE B 285 32.71 -5.57 -1.99
CA ILE B 285 32.34 -5.22 -3.35
C ILE B 285 30.87 -5.54 -3.61
N CYS B 286 30.21 -4.69 -4.39
CA CYS B 286 28.80 -4.84 -4.75
C CYS B 286 27.88 -5.12 -3.56
N GLU B 287 28.04 -4.33 -2.51
CA GLU B 287 27.07 -4.30 -1.41
C GLU B 287 26.88 -2.86 -0.93
N PHE B 288 25.62 -2.43 -0.94
CA PHE B 288 25.27 -1.04 -0.72
C PHE B 288 24.59 -0.84 0.65
N PRO B 289 24.89 0.29 1.32
CA PRO B 289 24.54 0.48 2.74
C PRO B 289 23.04 0.45 3.03
N PHE B 290 22.24 1.08 2.17
CA PHE B 290 20.80 1.13 2.36
C PHE B 290 20.06 0.74 1.10
N VAL B 291 19.30 -0.36 1.20
CA VAL B 291 18.59 -0.96 0.08
C VAL B 291 17.21 -1.45 0.55
N PRO B 292 16.40 -2.03 -0.36
CA PRO B 292 15.14 -2.65 0.03
C PRO B 292 15.27 -3.70 1.13
N VAL B 293 14.19 -3.89 1.88
CA VAL B 293 14.12 -4.88 2.93
C VAL B 293 12.73 -5.53 2.92
N VAL B 294 12.64 -6.77 3.39
CA VAL B 294 11.36 -7.45 3.51
C VAL B 294 10.60 -6.90 4.74
N ASP B 295 9.67 -5.98 4.47
CA ASP B 295 9.05 -5.14 5.49
C ASP B 295 7.72 -5.67 6.03
N GLY B 296 6.99 -6.42 5.20
CA GLY B 296 5.68 -6.94 5.56
C GLY B 296 4.59 -6.39 4.67
N ALA B 297 4.77 -5.14 4.24
CA ALA B 297 3.79 -4.45 3.40
C ALA B 297 4.06 -4.63 1.91
N PHE B 298 5.18 -4.09 1.44
CA PHE B 298 5.58 -4.20 0.04
C PHE B 298 6.00 -5.63 -0.30
N LEU B 299 6.80 -6.22 0.58
CA LEU B 299 7.19 -7.63 0.50
C LEU B 299 7.02 -8.27 1.87
N ASP B 300 6.34 -9.42 1.90
CA ASP B 300 6.11 -10.15 3.16
C ASP B 300 6.99 -11.40 3.29
N GLU B 301 7.80 -11.65 2.25
CA GLU B 301 8.76 -12.74 2.23
C GLU B 301 9.93 -12.37 1.31
N THR B 302 11.07 -13.04 1.49
CA THR B 302 12.24 -12.82 0.63
C THR B 302 11.93 -13.20 -0.83
N PRO B 303 12.53 -12.49 -1.79
CA PRO B 303 12.39 -12.84 -3.22
C PRO B 303 12.69 -14.31 -3.51
N GLN B 304 13.56 -14.92 -2.71
CA GLN B 304 13.89 -16.35 -2.82
C GLN B 304 12.65 -17.22 -2.61
N ARG B 305 11.96 -17.01 -1.48
CA ARG B 305 10.74 -17.76 -1.17
C ARG B 305 9.59 -17.42 -2.11
N SER B 306 9.57 -16.18 -2.60
CA SER B 306 8.58 -15.74 -3.59
C SER B 306 8.77 -16.47 -4.92
N LEU B 307 10.03 -16.56 -5.36
CA LEU B 307 10.35 -17.27 -6.59
C LEU B 307 10.07 -18.76 -6.46
N ALA B 308 10.48 -19.33 -5.33
CA ALA B 308 10.31 -20.76 -5.03
C ALA B 308 8.85 -21.20 -5.10
N SER B 309 7.99 -20.47 -4.38
CA SER B 309 6.56 -20.78 -4.33
C SER B 309 5.81 -20.37 -5.59
N GLY B 310 6.50 -19.67 -6.49
CA GLY B 310 5.90 -19.23 -7.75
C GLY B 310 4.97 -18.04 -7.62
N ARG B 311 5.04 -17.36 -6.47
CA ARG B 311 4.20 -16.19 -6.19
C ARG B 311 4.76 -14.94 -6.86
N PHE B 312 4.46 -14.79 -8.15
CA PHE B 312 4.82 -13.59 -8.92
C PHE B 312 3.90 -13.43 -10.12
N LYS B 313 3.77 -12.20 -10.61
CA LYS B 313 2.85 -11.87 -11.70
C LYS B 313 3.09 -12.73 -12.94
N LYS B 314 2.01 -13.29 -13.47
CA LYS B 314 2.07 -14.06 -14.71
C LYS B 314 2.12 -13.10 -15.90
N THR B 315 3.33 -12.83 -16.38
CA THR B 315 3.52 -11.94 -17.53
C THR B 315 4.78 -12.27 -18.32
N GLU B 316 4.90 -11.69 -19.50
CA GLU B 316 6.10 -11.78 -20.33
C GLU B 316 7.25 -10.98 -19.70
N ILE B 317 8.47 -11.39 -19.99
CA ILE B 317 9.68 -10.80 -19.41
C ILE B 317 10.76 -10.64 -20.48
N LEU B 318 11.34 -9.45 -20.57
CA LEU B 318 12.55 -9.24 -21.35
C LEU B 318 13.68 -8.90 -20.41
N THR B 319 14.74 -9.69 -20.44
CA THR B 319 15.85 -9.53 -19.49
C THR B 319 17.20 -9.89 -20.13
N GLY B 320 18.28 -9.41 -19.54
CA GLY B 320 19.62 -9.72 -20.06
C GLY B 320 20.78 -9.03 -19.38
N SER B 321 21.98 -9.59 -19.61
CA SER B 321 23.21 -9.08 -19.04
C SER B 321 24.13 -8.52 -20.11
N ASN B 322 25.14 -7.77 -19.66
CA ASN B 322 26.25 -7.37 -20.52
C ASN B 322 27.42 -8.32 -20.28
N THR B 323 28.41 -8.29 -21.17
CA THR B 323 29.54 -9.24 -21.10
C THR B 323 30.52 -8.98 -19.94
N GLU B 324 30.75 -7.72 -19.62
CA GLU B 324 31.69 -7.35 -18.55
C GLU B 324 31.01 -6.55 -17.45
N GLU B 325 30.10 -7.20 -16.72
CA GLU B 325 29.33 -6.54 -15.66
C GLU B 325 30.22 -6.09 -14.51
N GLY B 326 31.17 -6.95 -14.16
CA GLY B 326 32.03 -6.74 -12.98
C GLY B 326 32.96 -5.55 -13.01
N TYR B 327 33.72 -5.40 -14.10
CA TYR B 327 34.78 -4.38 -14.20
C TYR B 327 34.43 -3.05 -13.52
N TYR B 328 33.31 -2.44 -13.92
CA TYR B 328 32.88 -1.16 -13.37
C TYR B 328 33.01 -1.10 -11.84
N PHE B 329 32.52 -2.13 -11.17
CA PHE B 329 32.52 -2.18 -9.71
C PHE B 329 33.89 -2.52 -9.13
N ILE B 330 34.71 -3.23 -9.90
CA ILE B 330 36.06 -3.58 -9.47
C ILE B 330 37.03 -2.42 -9.66
N ILE B 331 36.61 -1.41 -10.43
CA ILE B 331 37.42 -0.20 -10.61
C ILE B 331 37.30 0.71 -9.39
N TYR B 332 36.07 0.90 -8.90
CA TYR B 332 35.80 1.78 -7.76
C TYR B 332 36.26 1.15 -6.45
N TYR B 333 35.76 -0.04 -6.14
CA TYR B 333 36.33 -0.89 -5.10
C TYR B 333 37.66 -1.39 -5.64
N LEU B 334 38.58 -1.78 -4.76
CA LEU B 334 39.87 -2.34 -5.17
C LEU B 334 40.60 -1.39 -6.13
N THR B 335 40.82 -0.17 -5.66
CA THR B 335 41.26 0.92 -6.54
C THR B 335 42.77 0.99 -6.83
N GLU B 336 43.58 0.53 -5.88
CA GLU B 336 45.04 0.51 -6.02
C GLU B 336 45.48 -0.30 -7.24
N LEU B 337 44.95 -1.52 -7.35
CA LEU B 337 45.12 -2.39 -8.51
C LEU B 337 43.97 -2.09 -9.48
N LEU B 338 44.19 -2.34 -10.77
CA LEU B 338 43.15 -2.21 -11.80
C LEU B 338 42.66 -0.75 -11.92
N ARG B 339 43.61 0.15 -12.12
CA ARG B 339 43.34 1.60 -12.18
C ARG B 339 42.87 2.06 -13.56
N LYS B 340 42.41 3.30 -13.64
CA LYS B 340 41.81 3.85 -14.85
C LYS B 340 42.86 4.27 -15.90
N GLU B 341 43.43 3.28 -16.57
CA GLU B 341 44.41 3.50 -17.65
C GLU B 341 44.50 2.26 -18.55
N GLU B 342 44.86 2.49 -19.81
CA GLU B 342 44.92 1.41 -20.80
C GLU B 342 46.00 0.36 -20.52
N GLY B 343 45.69 -0.87 -20.92
CA GLY B 343 46.64 -1.98 -20.85
C GLY B 343 47.11 -2.39 -19.46
N VAL B 344 46.23 -2.26 -18.47
CA VAL B 344 46.54 -2.74 -17.11
C VAL B 344 46.35 -4.27 -17.07
N THR B 345 47.18 -4.93 -16.26
CA THR B 345 47.14 -6.39 -16.15
C THR B 345 47.26 -6.86 -14.70
N VAL B 346 46.83 -8.09 -14.46
CA VAL B 346 46.85 -8.68 -13.12
C VAL B 346 47.71 -9.95 -13.12
N THR B 347 48.64 -10.03 -12.17
CA THR B 347 49.49 -11.22 -12.02
C THR B 347 48.73 -12.35 -11.32
N ARG B 348 49.31 -13.54 -11.31
CA ARG B 348 48.71 -14.67 -10.60
C ARG B 348 48.76 -14.44 -9.09
N GLU B 349 49.78 -13.72 -8.63
CA GLU B 349 49.88 -13.31 -7.23
C GLU B 349 48.73 -12.38 -6.85
N GLU B 350 48.47 -11.40 -7.72
CA GLU B 350 47.44 -10.39 -7.49
C GLU B 350 46.03 -10.96 -7.64
N PHE B 351 45.86 -11.89 -8.57
CA PHE B 351 44.58 -12.57 -8.76
C PHE B 351 44.19 -13.38 -7.53
N LEU B 352 45.16 -14.10 -6.96
CA LEU B 352 44.96 -14.89 -5.76
C LEU B 352 44.59 -14.02 -4.56
N GLN B 353 45.17 -12.83 -4.50
CA GLN B 353 44.83 -11.86 -3.45
C GLN B 353 43.47 -11.23 -3.65
N ALA B 354 43.06 -11.05 -4.92
CA ALA B 354 41.81 -10.40 -5.24
C ALA B 354 40.60 -11.26 -4.86
N VAL B 355 40.63 -12.53 -5.23
CA VAL B 355 39.52 -13.47 -4.91
C VAL B 355 39.29 -13.55 -3.40
N ARG B 356 40.32 -13.26 -2.63
CA ARG B 356 40.23 -13.20 -1.17
C ARG B 356 39.44 -11.94 -0.75
N GLU B 357 39.70 -10.84 -1.43
CA GLU B 357 39.07 -9.56 -1.11
C GLU B 357 37.68 -9.40 -1.73
N LEU B 358 37.49 -9.97 -2.92
CA LEU B 358 36.23 -9.88 -3.64
C LEU B 358 35.18 -10.88 -3.13
N ASN B 359 35.62 -11.89 -2.37
CA ASN B 359 34.72 -12.82 -1.69
C ASN B 359 35.18 -13.03 -0.25
N PRO B 360 34.91 -12.06 0.64
CA PRO B 360 35.47 -12.13 1.98
C PRO B 360 34.61 -12.89 3.00
N TYR B 361 33.71 -13.74 2.51
CA TYR B 361 32.80 -14.48 3.39
C TYR B 361 32.87 -16.00 3.21
N VAL B 362 33.78 -16.46 2.36
CA VAL B 362 33.92 -17.90 2.09
C VAL B 362 35.17 -18.49 2.74
N ASN B 363 35.02 -19.69 3.29
CA ASN B 363 35.98 -20.27 4.25
C ASN B 363 37.41 -20.57 3.77
N GLY B 364 37.59 -20.77 2.46
CA GLY B 364 38.92 -21.05 1.94
C GLY B 364 39.00 -22.27 1.04
N ALA B 365 38.23 -23.31 1.38
CA ALA B 365 38.02 -24.43 0.48
C ALA B 365 37.15 -23.95 -0.68
N ALA B 366 36.34 -22.94 -0.39
CA ALA B 366 35.49 -22.30 -1.38
C ALA B 366 36.27 -21.33 -2.27
N ARG B 367 37.27 -20.66 -1.69
CA ARG B 367 38.15 -19.79 -2.47
C ARG B 367 38.92 -20.57 -3.53
N GLN B 368 39.41 -21.76 -3.16
CA GLN B 368 40.08 -22.66 -4.08
C GLN B 368 39.14 -23.13 -5.19
N ALA B 369 37.87 -23.32 -4.84
CA ALA B 369 36.84 -23.68 -5.81
C ALA B 369 36.63 -22.54 -6.80
N ILE B 370 36.78 -21.30 -6.31
CA ILE B 370 36.65 -20.12 -7.14
C ILE B 370 37.88 -19.95 -8.04
N VAL B 371 39.07 -20.04 -7.46
CA VAL B 371 40.32 -19.88 -8.24
C VAL B 371 40.40 -20.92 -9.35
N PHE B 372 39.86 -22.11 -9.11
CA PHE B 372 39.84 -23.16 -10.13
C PHE B 372 38.80 -22.87 -11.21
N GLU B 373 37.63 -22.40 -10.81
CA GLU B 373 36.56 -22.12 -11.75
C GLU B 373 36.87 -20.91 -12.63
N TYR B 374 37.47 -19.88 -12.03
CA TYR B 374 37.78 -18.65 -12.76
C TYR B 374 39.26 -18.49 -13.09
N THR B 375 39.84 -19.55 -13.68
CA THR B 375 41.19 -19.49 -14.21
C THR B 375 41.27 -20.19 -15.56
N ASP B 376 41.87 -19.52 -16.53
CA ASP B 376 42.07 -20.07 -17.86
C ASP B 376 43.21 -21.08 -17.81
N TRP B 377 42.87 -22.36 -17.89
CA TRP B 377 43.84 -23.44 -17.69
C TRP B 377 44.75 -23.73 -18.88
N THR B 378 44.42 -23.16 -20.04
CA THR B 378 45.30 -23.24 -21.20
C THR B 378 46.54 -22.36 -21.01
N GLU B 379 46.40 -21.32 -20.18
CA GLU B 379 47.50 -20.43 -19.82
C GLU B 379 47.21 -19.77 -18.46
N PRO B 380 47.49 -20.50 -17.36
CA PRO B 380 47.06 -20.12 -15.99
C PRO B 380 47.67 -18.81 -15.46
N ASP B 381 48.84 -18.43 -15.97
CA ASP B 381 49.53 -17.25 -15.47
C ASP B 381 49.34 -16.00 -16.32
N ASN B 382 48.61 -16.13 -17.44
CA ASN B 382 48.38 -15.01 -18.35
C ASN B 382 47.80 -13.78 -17.65
N PRO B 383 48.50 -12.62 -17.78
CA PRO B 383 48.14 -11.38 -17.12
C PRO B 383 46.78 -10.81 -17.54
N ASN B 384 46.45 -10.94 -18.82
CA ASN B 384 45.13 -10.54 -19.34
C ASN B 384 44.03 -11.47 -18.84
N SER B 385 44.32 -12.76 -18.82
CA SER B 385 43.39 -13.79 -18.39
C SER B 385 43.01 -13.58 -16.93
N ASN B 386 44.01 -13.35 -16.08
CA ASN B 386 43.78 -13.11 -14.65
C ASN B 386 43.03 -11.81 -14.33
N ARG B 387 43.04 -10.86 -15.25
CA ARG B 387 42.26 -9.64 -15.10
C ARG B 387 40.79 -9.89 -15.48
N ASP B 388 40.58 -10.46 -16.66
CA ASP B 388 39.24 -10.78 -17.16
C ASP B 388 38.55 -11.81 -16.28
N ALA B 389 39.35 -12.62 -15.59
CA ALA B 389 38.85 -13.59 -14.62
C ALA B 389 38.17 -12.90 -13.45
N LEU B 390 38.70 -11.74 -13.06
CA LEU B 390 38.13 -10.97 -11.96
C LEU B 390 36.79 -10.36 -12.33
N ASP B 391 36.68 -9.85 -13.56
CA ASP B 391 35.42 -9.30 -14.06
C ASP B 391 34.32 -10.35 -14.06
N LYS B 392 34.66 -11.56 -14.50
CA LYS B 392 33.68 -12.63 -14.64
C LYS B 392 33.14 -13.13 -13.31
N MET B 393 34.00 -13.28 -12.31
CA MET B 393 33.56 -13.79 -11.01
C MET B 393 32.69 -12.80 -10.26
N VAL B 394 32.96 -11.51 -10.44
CA VAL B 394 32.11 -10.46 -9.87
C VAL B 394 30.84 -10.31 -10.72
N GLY B 395 31.01 -10.26 -12.04
CA GLY B 395 29.90 -10.13 -12.98
C GLY B 395 28.90 -11.28 -12.95
N ASP B 396 29.37 -12.48 -12.63
CA ASP B 396 28.50 -13.65 -12.58
C ASP B 396 27.72 -13.74 -11.26
N TYR B 397 28.44 -13.60 -10.14
CA TYR B 397 27.85 -13.76 -8.82
C TYR B 397 26.85 -12.65 -8.46
N HIS B 398 27.17 -11.42 -8.87
CA HIS B 398 26.34 -10.27 -8.52
C HIS B 398 25.32 -9.90 -9.59
N PHE B 399 25.52 -10.36 -10.82
CA PHE B 399 24.66 -9.92 -11.94
C PHE B 399 24.14 -11.03 -12.87
N THR B 400 24.98 -11.47 -13.80
CA THR B 400 24.57 -12.39 -14.89
C THR B 400 23.79 -13.62 -14.41
N CYS B 401 24.24 -14.22 -13.30
CA CYS B 401 23.63 -15.45 -12.81
C CYS B 401 22.30 -15.26 -12.10
N ASN B 402 22.14 -14.11 -11.45
CA ASN B 402 20.89 -13.76 -10.80
C ASN B 402 19.80 -13.43 -11.82
N VAL B 403 20.20 -12.78 -12.92
CA VAL B 403 19.33 -12.54 -14.07
C VAL B 403 18.84 -13.86 -14.65
N ASN B 404 19.78 -14.79 -14.85
CA ASN B 404 19.48 -16.12 -15.36
C ASN B 404 18.46 -16.87 -14.52
N GLU B 405 18.68 -16.88 -13.20
CA GLU B 405 17.79 -17.55 -12.25
C GLU B 405 16.35 -17.03 -12.38
N PHE B 406 16.20 -15.71 -12.35
CA PHE B 406 14.89 -15.05 -12.47
C PHE B 406 14.20 -15.44 -13.77
N ALA B 407 14.92 -15.34 -14.87
CA ALA B 407 14.39 -15.67 -16.20
C ALA B 407 13.97 -17.14 -16.29
N GLN B 408 14.73 -18.00 -15.64
CA GLN B 408 14.47 -19.43 -15.64
C GLN B 408 13.21 -19.76 -14.85
N ARG B 409 13.08 -19.14 -13.67
CA ARG B 409 11.91 -19.36 -12.80
C ARG B 409 10.62 -18.84 -13.43
N TYR B 410 10.72 -17.77 -14.21
CA TYR B 410 9.58 -17.28 -14.99
C TYR B 410 9.24 -18.22 -16.14
N ALA B 411 10.27 -18.80 -16.73
CA ALA B 411 10.11 -19.70 -17.87
C ALA B 411 9.42 -21.01 -17.50
N GLU B 412 9.81 -21.60 -16.38
CA GLU B 412 9.24 -22.87 -15.94
C GLU B 412 7.89 -22.71 -15.24
N GLU B 413 7.47 -21.48 -15.01
CA GLU B 413 6.12 -21.19 -14.53
C GLU B 413 5.18 -20.95 -15.69
N GLY B 414 5.70 -21.08 -16.91
CA GLY B 414 4.90 -20.99 -18.13
C GLY B 414 4.72 -19.58 -18.64
N ASN B 415 5.77 -18.78 -18.56
CA ASN B 415 5.75 -17.40 -19.08
C ASN B 415 6.79 -17.21 -20.18
N ASN B 416 6.44 -16.41 -21.18
CA ASN B 416 7.34 -16.11 -22.28
C ASN B 416 8.47 -15.18 -21.87
N VAL B 417 9.69 -15.70 -21.91
CA VAL B 417 10.88 -14.93 -21.52
C VAL B 417 11.70 -14.63 -22.77
N TYR B 418 12.35 -13.47 -22.77
CA TYR B 418 13.26 -13.09 -23.85
C TYR B 418 14.60 -12.61 -23.28
N MET B 419 15.61 -13.48 -23.41
CA MET B 419 16.92 -13.26 -22.82
C MET B 419 17.91 -12.70 -23.85
N TYR B 420 18.67 -11.69 -23.45
CA TYR B 420 19.70 -11.12 -24.30
C TYR B 420 21.08 -11.10 -23.64
N LEU B 421 22.11 -11.00 -24.46
CA LEU B 421 23.46 -10.75 -23.99
C LEU B 421 23.99 -9.58 -24.81
N TYR B 422 24.11 -8.42 -24.18
CA TYR B 422 24.56 -7.21 -24.85
C TYR B 422 26.09 -7.18 -24.90
N THR B 423 26.63 -7.13 -26.12
CA THR B 423 28.07 -7.32 -26.36
C THR B 423 28.73 -6.20 -27.17
N HIS B 424 28.11 -5.04 -27.23
CA HIS B 424 28.59 -3.95 -28.09
C HIS B 424 29.29 -2.80 -27.36
N ARG B 425 30.57 -2.59 -27.71
CA ARG B 425 31.34 -1.42 -27.26
C ARG B 425 31.09 -0.25 -28.20
N SER B 426 30.75 0.92 -27.64
CA SER B 426 30.64 2.15 -28.41
C SER B 426 32.02 2.54 -28.92
N LYS B 427 32.08 3.07 -30.14
CA LYS B 427 33.36 3.37 -30.78
C LYS B 427 34.11 4.49 -30.07
N GLY B 428 33.38 5.38 -29.41
CA GLY B 428 33.97 6.47 -28.65
C GLY B 428 33.84 6.30 -27.16
N ASN B 429 34.09 5.08 -26.68
CA ASN B 429 34.02 4.77 -25.25
C ASN B 429 35.17 5.41 -24.47
N PRO B 430 34.86 6.25 -23.47
CA PRO B 430 35.87 6.99 -22.72
C PRO B 430 36.75 6.11 -21.83
N TRP B 431 36.23 4.94 -21.43
CA TRP B 431 36.96 4.03 -20.56
C TRP B 431 38.07 3.27 -21.29
N PRO B 432 39.10 2.79 -20.55
CA PRO B 432 40.14 1.92 -21.10
C PRO B 432 39.58 0.74 -21.89
N ARG B 433 40.32 0.30 -22.91
CA ARG B 433 39.83 -0.72 -23.84
C ARG B 433 39.61 -2.09 -23.20
N TRP B 434 40.34 -2.37 -22.12
CA TRP B 434 40.25 -3.67 -21.43
C TRP B 434 38.93 -3.87 -20.70
N THR B 435 38.22 -2.78 -20.40
CA THR B 435 36.93 -2.85 -19.71
C THR B 435 35.85 -3.56 -20.53
N GLY B 436 35.91 -3.40 -21.85
CA GLY B 436 34.94 -4.01 -22.76
C GLY B 436 33.54 -3.45 -22.53
N VAL B 437 32.53 -4.29 -22.77
CA VAL B 437 31.14 -3.88 -22.61
C VAL B 437 30.71 -3.97 -21.15
N MET B 438 30.77 -2.83 -20.47
CA MET B 438 30.56 -2.77 -19.03
C MET B 438 29.10 -2.68 -18.61
N HIS B 439 28.89 -2.56 -17.31
CA HIS B 439 27.57 -2.45 -16.70
C HIS B 439 26.85 -1.17 -17.16
N GLY B 440 25.72 -1.35 -17.83
CA GLY B 440 24.91 -0.22 -18.27
C GLY B 440 25.44 0.55 -19.47
N ASP B 441 25.94 -0.18 -20.46
CA ASP B 441 26.37 0.42 -21.73
C ASP B 441 25.22 0.45 -22.72
N GLU B 442 24.26 -0.44 -22.52
CA GLU B 442 23.10 -0.58 -23.39
C GLU B 442 22.10 0.58 -23.23
N ILE B 443 22.19 1.28 -22.10
CA ILE B 443 21.27 2.37 -21.76
C ILE B 443 21.23 3.44 -22.85
N ASN B 444 22.40 3.87 -23.32
CA ASN B 444 22.50 4.86 -24.40
C ASN B 444 21.75 4.42 -25.64
N TYR B 445 21.87 3.13 -25.97
CA TYR B 445 21.28 2.60 -27.18
C TYR B 445 19.76 2.37 -27.09
N VAL B 446 19.29 1.95 -25.92
CA VAL B 446 17.84 1.77 -25.71
C VAL B 446 17.09 3.10 -25.70
N PHE B 447 17.78 4.18 -25.37
CA PHE B 447 17.16 5.50 -25.34
C PHE B 447 17.39 6.34 -26.60
N GLY B 448 18.03 5.75 -27.60
CA GLY B 448 18.25 6.41 -28.90
C GLY B 448 19.18 7.60 -28.86
N GLU B 449 20.21 7.49 -28.04
CA GLU B 449 21.24 8.53 -27.93
C GLU B 449 22.14 8.61 -29.17
N PRO B 450 22.40 7.46 -29.84
CA PRO B 450 23.17 7.51 -31.09
C PRO B 450 22.54 8.34 -32.20
N LEU B 451 21.22 8.48 -32.16
CA LEU B 451 20.48 9.24 -33.17
C LEU B 451 20.71 10.76 -33.04
N ASN B 452 21.28 11.19 -31.91
CA ASN B 452 21.63 12.58 -31.66
C ASN B 452 22.75 13.05 -32.58
N PRO B 453 22.43 13.98 -33.51
CA PRO B 453 23.40 14.42 -34.52
C PRO B 453 24.60 15.19 -33.95
N THR B 454 24.47 15.69 -32.72
CA THR B 454 25.57 16.42 -32.06
C THR B 454 26.61 15.47 -31.46
N LEU B 455 26.33 14.17 -31.49
CA LEU B 455 27.24 13.17 -30.95
C LEU B 455 27.87 12.32 -32.05
N GLY B 456 28.99 11.67 -31.74
CA GLY B 456 29.82 11.02 -32.76
C GLY B 456 29.58 9.55 -33.03
N TYR B 457 28.36 9.07 -32.78
CA TYR B 457 28.00 7.67 -33.06
C TYR B 457 28.03 7.37 -34.55
N THR B 458 28.60 6.22 -34.91
CA THR B 458 28.72 5.81 -36.32
C THR B 458 27.36 5.43 -36.91
N GLU B 459 27.31 5.32 -38.24
CA GLU B 459 26.08 4.99 -38.95
C GLU B 459 25.57 3.60 -38.58
N ASP B 460 26.49 2.67 -38.33
CA ASP B 460 26.15 1.32 -37.89
C ASP B 460 25.53 1.32 -36.49
N GLU B 461 26.11 2.11 -35.60
CA GLU B 461 25.63 2.24 -34.23
C GLU B 461 24.22 2.86 -34.18
N LYS B 462 23.94 3.75 -35.14
CA LYS B 462 22.63 4.37 -35.27
C LYS B 462 21.55 3.36 -35.67
N ASP B 463 21.91 2.41 -36.52
CA ASP B 463 21.01 1.32 -36.91
C ASP B 463 20.77 0.39 -35.72
N PHE B 464 21.85 0.04 -35.04
CA PHE B 464 21.82 -0.85 -33.88
C PHE B 464 20.96 -0.30 -32.75
N SER B 465 20.99 1.03 -32.58
CA SER B 465 20.15 1.70 -31.59
C SER B 465 18.68 1.58 -31.97
N ARG B 466 18.35 1.97 -33.20
CA ARG B 466 16.99 1.85 -33.72
C ARG B 466 16.50 0.40 -33.67
N LYS B 467 17.42 -0.54 -33.88
CA LYS B 467 17.10 -1.97 -33.84
C LYS B 467 16.61 -2.39 -32.46
N ILE B 468 17.39 -2.06 -31.43
CA ILE B 468 17.07 -2.49 -30.07
C ILE B 468 15.95 -1.65 -29.45
N MET B 469 15.76 -0.44 -29.97
CA MET B 469 14.62 0.40 -29.59
C MET B 469 13.32 -0.22 -30.05
N ARG B 470 13.35 -0.79 -31.26
CA ARG B 470 12.19 -1.51 -31.79
C ARG B 470 11.91 -2.76 -30.96
N TYR B 471 12.93 -3.59 -30.77
CA TYR B 471 12.82 -4.79 -29.93
C TYR B 471 12.11 -4.49 -28.61
N TRP B 472 12.66 -3.50 -27.89
CA TRP B 472 12.11 -3.06 -26.61
C TRP B 472 10.66 -2.57 -26.73
N SER B 473 10.41 -1.73 -27.75
CA SER B 473 9.10 -1.08 -27.89
C SER B 473 7.97 -2.06 -28.18
N ASN B 474 8.12 -2.87 -29.23
CA ASN B 474 7.05 -3.81 -29.59
C ASN B 474 6.92 -5.01 -28.65
N PHE B 475 7.88 -5.16 -27.73
CA PHE B 475 7.70 -6.05 -26.58
C PHE B 475 6.70 -5.40 -25.63
N ALA B 476 6.87 -4.10 -25.41
CA ALA B 476 5.96 -3.32 -24.58
C ALA B 476 4.58 -3.21 -25.25
N LYS B 477 4.56 -3.32 -26.58
CA LYS B 477 3.33 -3.26 -27.34
C LYS B 477 2.60 -4.61 -27.37
N THR B 478 3.32 -5.66 -27.77
CA THR B 478 2.70 -6.96 -28.07
C THR B 478 2.99 -8.06 -27.04
N GLY B 479 4.15 -7.98 -26.38
CA GLY B 479 4.60 -9.05 -25.49
C GLY B 479 5.65 -9.91 -26.16
N ASN B 480 6.13 -9.42 -27.30
CA ASN B 480 7.12 -10.12 -28.12
C ASN B 480 7.95 -9.10 -28.91
N PRO B 481 9.29 -9.20 -28.83
CA PRO B 481 10.19 -8.24 -29.48
C PRO B 481 10.30 -8.38 -31.00
N ASN B 482 9.94 -9.55 -31.54
CA ASN B 482 10.04 -9.80 -32.98
C ASN B 482 9.03 -9.02 -33.81
N PRO B 483 9.42 -8.59 -35.03
CA PRO B 483 8.49 -7.91 -35.93
C PRO B 483 7.38 -8.85 -36.40
N ASN B 484 6.20 -8.28 -36.66
CA ASN B 484 5.03 -9.05 -37.07
C ASN B 484 5.20 -9.77 -38.40
N THR B 485 5.93 -9.15 -39.32
CA THR B 485 6.13 -9.68 -40.67
C THR B 485 7.45 -10.45 -40.85
N ALA B 486 8.16 -10.68 -39.74
CA ALA B 486 9.43 -11.43 -39.71
C ALA B 486 10.47 -10.93 -40.72
N SER B 487 11.21 -9.90 -40.31
CA SER B 487 12.23 -9.27 -41.16
C SER B 487 13.58 -10.01 -41.11
N SER B 488 14.51 -9.58 -41.95
CA SER B 488 15.87 -10.14 -41.98
C SER B 488 16.91 -9.21 -41.36
N GLU B 489 16.70 -7.91 -41.49
CA GLU B 489 17.51 -6.90 -40.81
C GLU B 489 17.21 -6.86 -39.30
N PHE B 490 16.02 -7.35 -38.94
CA PHE B 490 15.64 -7.62 -37.56
C PHE B 490 15.63 -9.14 -37.37
N PRO B 491 16.74 -9.72 -36.86
CA PRO B 491 16.82 -11.17 -36.62
C PRO B 491 15.78 -11.67 -35.64
N GLU B 492 15.58 -12.98 -35.59
CA GLU B 492 14.60 -13.56 -34.69
C GLU B 492 15.16 -13.73 -33.28
N TRP B 493 14.28 -13.54 -32.30
CA TRP B 493 14.61 -13.65 -30.89
C TRP B 493 13.83 -14.83 -30.31
N PRO B 494 14.48 -16.01 -30.22
CA PRO B 494 13.84 -17.18 -29.63
C PRO B 494 13.48 -16.97 -28.16
N LYS B 495 12.40 -17.62 -27.73
CA LYS B 495 11.97 -17.56 -26.35
C LYS B 495 12.95 -18.28 -25.43
N HIS B 496 13.29 -17.64 -24.32
CA HIS B 496 14.11 -18.25 -23.28
C HIS B 496 13.26 -19.24 -22.49
N THR B 497 13.26 -20.49 -22.96
CA THR B 497 12.41 -21.52 -22.38
C THR B 497 13.16 -22.35 -21.34
N ALA B 498 12.42 -22.86 -20.35
CA ALA B 498 12.98 -23.57 -19.21
C ALA B 498 14.01 -24.64 -19.58
N HIS B 499 13.67 -25.46 -20.56
CA HIS B 499 14.52 -26.56 -21.00
C HIS B 499 15.63 -26.13 -21.97
N GLY B 500 15.35 -25.10 -22.78
CA GLY B 500 16.26 -24.67 -23.84
C GLY B 500 17.21 -23.53 -23.49
N ARG B 501 16.69 -22.57 -22.71
CA ARG B 501 17.47 -21.43 -22.20
C ARG B 501 18.14 -20.56 -23.26
N HIS B 502 17.44 -20.36 -24.39
CA HIS B 502 17.99 -19.62 -25.52
C HIS B 502 18.07 -18.12 -25.32
N TYR B 503 19.20 -17.53 -25.71
CA TYR B 503 19.41 -16.08 -25.64
C TYR B 503 19.89 -15.51 -26.98
N LEU B 504 19.60 -14.22 -27.20
CA LEU B 504 20.07 -13.53 -28.40
C LEU B 504 21.22 -12.59 -28.09
N GLU B 505 22.31 -12.74 -28.85
CA GLU B 505 23.44 -11.83 -28.73
C GLU B 505 23.13 -10.50 -29.43
N LEU B 506 23.29 -9.41 -28.69
CA LEU B 506 23.08 -8.08 -29.26
C LEU B 506 24.41 -7.37 -29.51
N GLY B 507 24.86 -7.46 -30.75
CA GLY B 507 26.07 -6.77 -31.21
C GLY B 507 25.87 -6.30 -32.64
N LEU B 508 26.87 -5.63 -33.20
CA LEU B 508 26.74 -4.99 -34.51
C LEU B 508 26.56 -5.97 -35.68
N ASN B 509 27.47 -6.92 -35.82
CA ASN B 509 27.46 -7.82 -36.95
C ASN B 509 27.13 -9.25 -36.53
N THR B 510 25.97 -9.41 -35.88
CA THR B 510 25.57 -10.71 -35.35
C THR B 510 24.07 -10.90 -35.19
N SER B 511 23.65 -12.15 -35.35
CA SER B 511 22.28 -12.57 -35.03
C SER B 511 22.37 -13.86 -34.20
N PHE B 512 23.56 -14.10 -33.64
CA PHE B 512 23.88 -15.32 -32.91
C PHE B 512 22.93 -15.61 -31.77
N VAL B 513 22.53 -16.88 -31.66
CA VAL B 513 21.69 -17.35 -30.58
C VAL B 513 22.47 -18.40 -29.78
N GLY B 514 22.64 -18.15 -28.49
CA GLY B 514 23.34 -19.08 -27.62
C GLY B 514 22.40 -19.67 -26.57
N ARG B 515 22.99 -20.31 -25.57
CA ARG B 515 22.23 -20.89 -24.48
C ARG B 515 22.81 -20.50 -23.12
N GLY B 516 22.01 -19.80 -22.33
CA GLY B 516 22.43 -19.33 -21.02
C GLY B 516 22.07 -17.87 -20.79
N PRO B 517 23.07 -16.97 -20.84
CA PRO B 517 24.48 -17.26 -21.08
C PRO B 517 25.22 -17.75 -19.84
N ARG B 518 26.42 -18.29 -20.04
CA ARG B 518 27.32 -18.69 -18.96
C ARG B 518 26.67 -19.68 -17.98
N LEU B 519 26.25 -20.82 -18.50
CA LEU B 519 25.52 -21.81 -17.71
C LEU B 519 26.37 -22.51 -16.66
N ARG B 520 27.61 -22.86 -17.01
CA ARG B 520 28.51 -23.58 -16.10
C ARG B 520 28.85 -22.77 -14.85
N GLN B 521 29.06 -21.47 -15.03
CA GLN B 521 29.44 -20.60 -13.92
C GLN B 521 28.27 -20.31 -12.98
N CYS B 522 27.06 -20.23 -13.56
CA CYS B 522 25.87 -20.00 -12.77
C CYS B 522 25.53 -21.19 -11.90
N ALA B 523 25.72 -22.38 -12.46
CA ALA B 523 25.59 -23.63 -11.72
C ALA B 523 26.64 -23.72 -10.62
N PHE B 524 27.80 -23.10 -10.84
CA PHE B 524 28.86 -23.05 -9.84
C PHE B 524 28.40 -22.26 -8.62
N TRP B 525 27.87 -21.05 -8.85
CA TRP B 525 27.45 -20.16 -7.78
C TRP B 525 26.13 -20.58 -7.12
N LYS B 526 25.19 -21.09 -7.92
CA LYS B 526 23.88 -21.47 -7.39
C LYS B 526 23.84 -22.88 -6.81
N LYS B 527 24.50 -23.84 -7.49
CA LYS B 527 24.42 -25.24 -7.09
C LYS B 527 25.64 -25.73 -6.31
N TYR B 528 26.82 -25.67 -6.94
CA TYR B 528 28.02 -26.29 -6.37
C TYR B 528 28.58 -25.58 -5.13
N LEU B 529 28.88 -24.29 -5.24
CA LEU B 529 29.54 -23.56 -4.14
C LEU B 529 28.75 -23.50 -2.82
N PRO B 530 27.39 -23.36 -2.88
CA PRO B 530 26.65 -23.38 -1.62
C PRO B 530 26.78 -24.70 -0.86
N GLN B 531 26.71 -25.83 -1.57
CA GLN B 531 26.80 -27.14 -0.93
C GLN B 531 28.23 -27.50 -0.48
N LEU B 532 29.21 -26.77 -1.00
CA LEU B 532 30.60 -26.93 -0.56
C LEU B 532 30.80 -26.25 0.80
N VAL B 533 30.32 -25.01 0.92
CA VAL B 533 30.44 -24.24 2.17
C VAL B 533 29.67 -24.91 3.31
N ALA B 534 28.57 -25.58 2.97
CA ALA B 534 27.82 -26.38 3.92
C ALA B 534 28.64 -27.59 4.38
N ALA B 535 29.29 -28.25 3.43
CA ALA B 535 30.10 -29.44 3.70
C ALA B 535 31.40 -29.14 4.46
N THR B 536 31.88 -27.90 4.35
CA THR B 536 33.14 -27.51 5.00
C THR B 536 32.92 -26.60 6.22
N SER B 537 31.70 -26.60 6.75
CA SER B 537 31.39 -25.83 7.96
C SER B 537 30.47 -26.63 8.88
#